data_4BA2
#
_entry.id   4BA2
#
_cell.length_a   134.830
_cell.length_b   134.830
_cell.length_c   134.830
_cell.angle_alpha   90.00
_cell.angle_beta   90.00
_cell.angle_gamma   90.00
#
_symmetry.space_group_name_H-M   'P 21 3'
#
loop_
_entity.id
_entity.type
_entity.pdbx_description
1 polymer 'PROBABLE EXOSOME COMPLEX EXONUCLEASE 2'
2 polymer 'PROBABLE EXOSOME COMPLEX EXONUCLEASE 1'
3 polymer 'PROBABLE EXOSOME COMPLEX RNA-BINDING PROTEIN 1'
4 polymer "5'-R(*AP*AP*AP*AP)-3'"
5 non-polymer 'PENTAETHYLENE GLYCOL'
6 non-polymer 'PHOSPHATE ION'
7 non-polymer 'SODIUM ION'
8 water water
#
loop_
_entity_poly.entity_id
_entity_poly.type
_entity_poly.pdbx_seq_one_letter_code
_entity_poly.pdbx_strand_id
1 'polypeptide(L)'
;GHMSSTPSNQNIIPIIKKESIVSLFEKGIRQDGRKLTDYRPLSITLDYAKKADGSALVKLGTTMVLAGTKLEIDKPYEDT
PNQGNLIVNVELLPLAYETFEPGPPDENAIELARVVDRSLRDSKALDLTKLVIEPGKSVWTVWLDVYVLDYGGNVLDACT
LASVAALYNTKVYKVEQHSNGISVNKNEVVGKLPLNYPVVTISVAKVDKYLVVDPDLDEESIMDAKISFSYTPDLKIVGI
QKSGKGSMSLQDIDQAENTARSTAVKLLEELKKHLGI
;
A
2 'polypeptide(L)'
;GHMREMLQVERPKLILDDGKRTDGRKPDELRSIKIELGVLKNADGSAIFEMGNTKAIAAVYGPKEMHPRHLSLPDRAVLR
VRYHMTPFSTDERKNPAPSRREIELSKVIREALESAVLVELFPRTAIDVFTEILQADAGSRLVSLMAASLALADAGIPMR
DLIAGVAVGKADGVIILDLNETEAMWGEADMPIAMMPSLNQVTLFQLNGSMTPDEFRQAFDLAVKGINIIYNLEREALKS
KYVEFKEEGV
;
B
3 'polypeptide(L)'
;GHMNMSQSQEIVLQPRSIVVPGELLAEGEFQIPWSPYILKINSKYYSTVVGLFDVKDTQFEVIPLEGSFYYPKINDIVIG
LVEDVEIYGWVVDIKAPYKAYLPASNLLGRSINVGEDLRRYLDVGDYVIARIENFDRSIDPVLSVKGKDLGRVSNGIVID
IMPVKVPRVIGKNKSMYETLTSKSGCSIFVANNGRIWATCPSRFSEEILIEAIRKIENESHIKGLTDRIKQFIEEKLGER
NASSGETKTNS
;
I
4 'polyribonucleotide' AAAA R
#
loop_
_chem_comp.id
_chem_comp.type
_chem_comp.name
_chem_comp.formula
1PE non-polymer 'PENTAETHYLENE GLYCOL' 'C10 H22 O6'
A RNA linking ADENOSINE-5'-MONOPHOSPHATE 'C10 H14 N5 O7 P'
NA non-polymer 'SODIUM ION' 'Na 1'
PO4 non-polymer 'PHOSPHATE ION' 'O4 P -3'
#
# COMPACT_ATOMS: atom_id res chain seq x y z
N GLY A 1 11.49 10.16 -17.97
CA GLY A 1 12.38 9.44 -17.07
C GLY A 1 11.82 9.29 -15.66
N HIS A 2 12.25 8.25 -14.97
CA HIS A 2 11.72 7.91 -13.66
C HIS A 2 12.07 6.47 -13.31
N MET A 3 12.24 6.19 -12.03
CA MET A 3 12.48 4.81 -11.57
C MET A 3 11.75 4.43 -10.26
N SER A 4 11.54 3.14 -10.05
CA SER A 4 10.92 2.66 -8.81
C SER A 4 11.98 2.43 -7.74
N SER A 5 11.75 3.00 -6.55
CA SER A 5 12.68 2.88 -5.43
C SER A 5 11.99 2.30 -4.20
N THR A 6 12.77 1.63 -3.36
CA THR A 6 12.27 1.09 -2.10
C THR A 6 11.86 2.26 -1.21
N PRO A 7 10.58 2.29 -0.79
CA PRO A 7 10.01 3.39 0.01
C PRO A 7 10.80 3.63 1.31
N SER A 8 11.10 4.89 1.62
CA SER A 8 11.99 5.19 2.74
C SER A 8 11.26 5.54 4.04
N ASN A 9 10.72 6.75 4.13
CA ASN A 9 10.02 7.16 5.34
C ASN A 9 8.60 6.61 5.35
N GLN A 10 8.45 5.38 5.84
CA GLN A 10 7.14 4.72 5.90
C GLN A 10 6.63 4.68 7.35
N ASN A 11 5.47 4.06 7.52
CA ASN A 11 4.84 3.93 8.84
C ASN A 11 5.64 3.00 9.75
N ILE A 12 6.72 3.51 10.35
CA ILE A 12 7.53 2.63 11.19
C ILE A 12 6.73 2.17 12.40
N ILE A 13 6.46 0.87 12.43
CA ILE A 13 5.60 0.26 13.43
C ILE A 13 6.44 -0.49 14.45
N PRO A 14 6.30 -0.13 15.75
CA PRO A 14 7.20 -0.60 16.82
C PRO A 14 7.24 -2.13 16.97
N ILE A 15 8.36 -2.64 17.45
CA ILE A 15 8.54 -4.09 17.62
C ILE A 15 7.42 -4.73 18.43
N ILE A 16 7.12 -4.16 19.59
CA ILE A 16 6.11 -4.68 20.49
C ILE A 16 4.77 -4.79 19.80
N LYS A 17 4.46 -3.82 18.95
CA LYS A 17 3.18 -3.79 18.27
C LYS A 17 3.04 -5.00 17.35
N LYS A 18 4.12 -5.36 16.68
CA LYS A 18 4.09 -6.49 15.77
C LYS A 18 3.74 -7.75 16.55
N GLU A 19 4.49 -7.97 17.64
CA GLU A 19 4.40 -9.17 18.46
C GLU A 19 3.01 -9.40 18.99
N SER A 20 2.28 -8.31 19.17
CA SER A 20 0.93 -8.36 19.68
C SER A 20 -0.05 -8.78 18.59
N ILE A 21 0.12 -8.25 17.38
CA ILE A 21 -0.85 -8.52 16.31
C ILE A 21 -0.85 -10.00 15.89
N VAL A 22 0.32 -10.62 15.99
CA VAL A 22 0.46 -12.05 15.78
C VAL A 22 -0.27 -12.80 16.88
N SER A 23 0.20 -12.58 18.11
CA SER A 23 -0.41 -13.16 19.29
C SER A 23 -1.79 -13.74 18.99
N LEU A 24 -2.74 -12.86 18.73
CA LEU A 24 -4.12 -13.29 18.52
C LEU A 24 -4.28 -14.10 17.24
N PHE A 25 -3.21 -14.15 16.45
CA PHE A 25 -3.22 -14.93 15.22
C PHE A 25 -3.32 -16.42 15.50
N GLU A 26 -2.56 -16.87 16.50
CA GLU A 26 -2.63 -18.27 16.94
C GLU A 26 -4.07 -18.77 17.17
N LYS A 27 -4.94 -17.86 17.60
CA LYS A 27 -6.31 -18.23 17.94
C LYS A 27 -7.36 -17.86 16.90
N GLY A 28 -6.90 -17.35 15.75
CA GLY A 28 -7.78 -17.13 14.63
C GLY A 28 -8.54 -15.81 14.69
N ILE A 29 -8.05 -14.89 15.51
CA ILE A 29 -8.65 -13.56 15.57
C ILE A 29 -7.61 -12.44 15.46
N ARG A 30 -8.08 -11.26 15.10
CA ARG A 30 -7.20 -10.13 14.91
C ARG A 30 -7.48 -9.06 15.95
N GLN A 31 -6.77 -7.93 15.84
CA GLN A 31 -6.94 -6.81 16.76
C GLN A 31 -8.42 -6.47 16.91
N ASP A 32 -9.06 -6.16 15.78
CA ASP A 32 -10.46 -5.75 15.78
C ASP A 32 -11.45 -6.87 16.09
N GLY A 33 -10.93 -8.03 16.49
CA GLY A 33 -11.74 -9.17 16.83
C GLY A 33 -12.30 -10.00 15.69
N ARG A 34 -11.82 -9.80 14.47
CA ARG A 34 -12.33 -10.60 13.33
C ARG A 34 -11.51 -11.86 13.03
N LYS A 35 -12.10 -12.77 12.27
CA LYS A 35 -11.45 -14.03 11.91
C LYS A 35 -10.58 -13.83 10.68
N LEU A 36 -9.44 -14.52 10.64
CA LEU A 36 -8.48 -14.34 9.57
C LEU A 36 -9.11 -14.23 8.18
N THR A 37 -10.39 -14.59 8.06
CA THR A 37 -11.02 -14.68 6.75
C THR A 37 -12.17 -13.69 6.54
N ASP A 38 -12.40 -12.83 7.52
CA ASP A 38 -13.48 -11.85 7.41
C ASP A 38 -13.05 -10.54 6.78
N TYR A 39 -14.00 -9.88 6.13
CA TYR A 39 -13.85 -8.54 5.64
C TYR A 39 -14.32 -7.64 6.76
N ARG A 40 -13.94 -6.37 6.74
CA ARG A 40 -14.45 -5.43 7.73
C ARG A 40 -15.87 -5.01 7.34
N PRO A 41 -16.49 -4.19 8.19
CA PRO A 41 -17.82 -3.67 7.84
C PRO A 41 -17.76 -2.91 6.52
N LEU A 42 -18.72 -3.23 5.66
CA LEU A 42 -18.75 -2.65 4.35
C LEU A 42 -19.92 -1.71 4.25
N SER A 43 -19.71 -0.58 3.59
CA SER A 43 -20.76 0.40 3.39
C SER A 43 -20.62 0.96 2.00
N ILE A 44 -21.73 1.02 1.27
CA ILE A 44 -21.70 1.61 -0.07
C ILE A 44 -22.79 2.67 -0.23
N THR A 45 -22.41 3.85 -0.75
CA THR A 45 -23.38 4.93 -0.97
C THR A 45 -23.36 5.38 -2.44
N LEU A 46 -24.45 5.12 -3.14
CA LEU A 46 -24.55 5.43 -4.56
C LEU A 46 -25.04 6.85 -4.75
N ASP A 47 -24.89 7.33 -5.99
CA ASP A 47 -25.24 8.71 -6.31
CA ASP A 47 -25.16 8.71 -6.35
C ASP A 47 -24.65 9.72 -5.31
N TYR A 48 -23.53 9.38 -4.67
CA TYR A 48 -22.99 10.25 -3.62
C TYR A 48 -22.44 11.59 -4.13
N ALA A 49 -21.77 11.54 -5.27
CA ALA A 49 -21.31 12.73 -5.97
C ALA A 49 -22.36 13.11 -7.00
N LYS A 50 -23.10 14.16 -6.72
CA LYS A 50 -24.31 14.51 -7.48
C LYS A 50 -24.07 14.91 -8.93
N LYS A 51 -22.89 15.48 -9.22
CA LYS A 51 -22.58 15.86 -10.60
C LYS A 51 -21.85 14.76 -11.37
N ALA A 52 -21.61 13.61 -10.74
CA ALA A 52 -21.14 12.46 -11.47
C ALA A 52 -22.28 11.81 -12.24
N ASP A 53 -21.96 11.13 -13.33
CA ASP A 53 -22.94 10.37 -14.06
C ASP A 53 -23.33 9.15 -13.24
N GLY A 54 -22.40 8.71 -12.40
CA GLY A 54 -22.58 7.55 -11.56
C GLY A 54 -21.48 7.61 -10.52
N SER A 55 -21.84 7.31 -9.27
CA SER A 55 -20.86 7.39 -8.22
C SER A 55 -21.18 6.42 -7.11
N ALA A 56 -20.18 6.09 -6.33
CA ALA A 56 -20.39 5.28 -5.14
C ALA A 56 -19.30 5.66 -4.16
N LEU A 57 -19.73 5.92 -2.93
CA LEU A 57 -18.81 6.16 -1.83
C LEU A 57 -18.71 4.85 -1.05
N VAL A 58 -17.49 4.36 -0.88
CA VAL A 58 -17.28 3.08 -0.22
C VAL A 58 -16.49 3.18 1.09
N LYS A 59 -17.11 2.74 2.18
CA LYS A 59 -16.42 2.69 3.45
C LYS A 59 -16.19 1.22 3.77
N LEU A 60 -14.93 0.85 3.90
CA LEU A 60 -14.51 -0.50 4.27
C LEU A 60 -13.58 -0.41 5.49
N GLY A 61 -14.13 -0.66 6.67
CA GLY A 61 -13.38 -0.33 7.85
C GLY A 61 -13.10 1.16 7.74
N THR A 62 -11.88 1.59 8.05
CA THR A 62 -11.60 3.02 8.01
C THR A 62 -11.19 3.51 6.62
N THR A 63 -10.89 2.57 5.72
CA THR A 63 -10.57 2.92 4.34
C THR A 63 -11.79 3.48 3.60
N MET A 64 -11.59 4.61 2.92
CA MET A 64 -12.69 5.31 2.26
C MET A 64 -12.34 5.74 0.83
N VAL A 65 -13.17 5.32 -0.12
CA VAL A 65 -12.91 5.53 -1.52
C VAL A 65 -14.16 6.06 -2.24
N LEU A 66 -13.99 7.12 -3.03
CA LEU A 66 -15.08 7.66 -3.84
C LEU A 66 -14.84 7.53 -5.35
N ALA A 67 -15.63 6.70 -6.01
CA ALA A 67 -15.50 6.50 -7.45
C ALA A 67 -16.57 7.28 -8.16
N GLY A 68 -16.17 8.01 -9.19
CA GLY A 68 -17.13 8.72 -10.01
C GLY A 68 -16.88 8.51 -11.48
N THR A 69 -17.96 8.53 -12.27
CA THR A 69 -17.82 8.42 -13.71
C THR A 69 -18.32 9.66 -14.45
N LYS A 70 -17.71 9.95 -15.60
CA LYS A 70 -18.28 10.91 -16.54
C LYS A 70 -18.27 10.27 -17.94
N LEU A 71 -19.38 10.35 -18.66
CA LEU A 71 -19.42 9.82 -20.01
C LEU A 71 -19.22 10.94 -21.01
N GLU A 72 -18.38 10.72 -21.99
CA GLU A 72 -18.26 11.68 -23.09
C GLU A 72 -18.40 10.98 -24.44
N ILE A 73 -18.53 11.78 -25.50
CA ILE A 73 -18.60 11.28 -26.86
C ILE A 73 -17.25 11.50 -27.54
N ASP A 74 -16.77 10.52 -28.30
CA ASP A 74 -15.42 10.57 -28.86
C ASP A 74 -15.37 9.83 -30.15
N LYS A 75 -14.30 10.04 -30.91
CA LYS A 75 -13.91 9.07 -31.95
C LYS A 75 -13.33 7.86 -31.25
N PRO A 76 -13.49 6.67 -31.83
CA PRO A 76 -12.89 5.49 -31.20
C PRO A 76 -11.41 5.38 -31.52
N TYR A 77 -10.66 4.63 -30.69
CA TYR A 77 -9.27 4.30 -30.99
C TYR A 77 -9.21 3.54 -32.31
N GLU A 78 -8.15 3.68 -33.08
CA GLU A 78 -8.10 3.00 -34.38
C GLU A 78 -7.97 1.49 -34.20
N ASP A 79 -7.27 1.07 -33.16
CA ASP A 79 -7.17 -0.34 -32.82
C ASP A 79 -8.48 -0.96 -32.23
N THR A 80 -9.53 -0.15 -32.14
CA THR A 80 -10.79 -0.60 -31.56
C THR A 80 -11.94 0.28 -32.04
N PRO A 81 -12.21 0.23 -33.36
CA PRO A 81 -13.19 1.14 -33.98
C PRO A 81 -14.64 0.76 -33.68
N ASN A 82 -14.83 -0.40 -33.07
CA ASN A 82 -16.17 -0.91 -32.78
C ASN A 82 -16.36 -1.10 -31.27
N GLN A 83 -15.96 -0.09 -30.50
CA GLN A 83 -15.92 -0.19 -29.06
C GLN A 83 -15.79 1.18 -28.46
N GLY A 84 -16.47 1.37 -27.34
CA GLY A 84 -16.32 2.58 -26.56
C GLY A 84 -14.98 2.52 -25.86
N ASN A 85 -14.70 3.55 -25.07
CA ASN A 85 -13.46 3.57 -24.33
C ASN A 85 -13.70 3.46 -22.81
N LEU A 86 -12.77 2.80 -22.12
CA LEU A 86 -12.72 2.85 -20.66
C LEU A 86 -11.37 3.39 -20.20
N ILE A 87 -11.42 4.46 -19.41
CA ILE A 87 -10.20 5.06 -18.89
C ILE A 87 -10.31 5.13 -17.36
N VAL A 88 -9.45 4.42 -16.66
CA VAL A 88 -9.44 4.39 -15.20
C VAL A 88 -8.29 5.21 -14.54
N ASN A 89 -8.66 6.11 -13.65
CA ASN A 89 -7.71 6.81 -12.80
C ASN A 89 -7.99 6.70 -11.29
N VAL A 90 -6.90 6.62 -10.54
CA VAL A 90 -6.95 6.53 -9.12
C VAL A 90 -6.06 7.61 -8.57
N GLU A 91 -6.61 8.49 -7.76
CA GLU A 91 -5.80 9.40 -6.95
C GLU A 91 -5.76 9.01 -5.47
N LEU A 92 -4.54 8.91 -4.94
CA LEU A 92 -4.32 8.67 -3.53
C LEU A 92 -4.10 10.04 -2.94
N LEU A 93 -5.20 10.66 -2.53
CA LEU A 93 -5.13 12.03 -2.07
C LEU A 93 -4.34 12.11 -0.80
N PRO A 94 -3.53 13.16 -0.69
CA PRO A 94 -2.81 13.52 0.53
C PRO A 94 -3.77 13.55 1.72
N LEU A 95 -5.08 13.52 1.44
CA LEU A 95 -6.11 13.47 2.49
C LEU A 95 -6.24 12.07 3.14
N ALA A 96 -5.76 11.04 2.44
CA ALA A 96 -5.92 9.65 2.87
C ALA A 96 -4.97 9.21 3.99
N TYR A 97 -3.77 9.78 4.01
CA TYR A 97 -2.68 9.31 4.86
C TYR A 97 -1.62 10.42 5.02
N GLU A 98 -0.97 10.51 6.17
CA GLU A 98 -0.07 11.65 6.41
C GLU A 98 1.09 11.72 5.43
N THR A 99 1.48 10.58 4.87
CA THR A 99 2.66 10.50 4.02
C THR A 99 2.39 10.56 2.51
N PHE A 100 1.13 10.78 2.13
CA PHE A 100 0.77 10.95 0.73
C PHE A 100 0.77 12.43 0.34
N GLU A 101 1.87 12.94 -0.19
CA GLU A 101 1.87 14.32 -0.69
C GLU A 101 1.22 14.39 -2.07
N PRO A 102 0.85 15.59 -2.52
CA PRO A 102 0.11 15.78 -3.78
C PRO A 102 1.00 15.78 -5.02
N GLY A 103 0.38 15.75 -6.20
CA GLY A 103 1.10 15.65 -7.45
C GLY A 103 0.48 14.62 -8.39
N PRO A 104 1.20 14.28 -9.48
CA PRO A 104 0.74 13.24 -10.41
C PRO A 104 0.81 11.87 -9.75
N PRO A 105 -0.08 10.95 -10.13
CA PRO A 105 -0.07 9.60 -9.53
C PRO A 105 1.31 8.92 -9.46
N ASP A 106 1.68 8.48 -8.26
CA ASP A 106 2.91 7.71 -8.08
C ASP A 106 2.68 6.29 -8.58
N GLU A 107 3.69 5.44 -8.46
CA GLU A 107 3.57 4.11 -9.01
C GLU A 107 2.38 3.42 -8.36
N ASN A 108 2.15 3.69 -7.08
CA ASN A 108 1.01 3.13 -6.35
C ASN A 108 -0.34 3.46 -6.93
N ALA A 109 -0.60 4.73 -7.19
CA ALA A 109 -1.91 5.10 -7.75
C ALA A 109 -2.08 4.48 -9.14
N ILE A 110 -1.01 4.50 -9.92
CA ILE A 110 -1.01 3.97 -11.27
C ILE A 110 -1.24 2.46 -11.27
N GLU A 111 -0.55 1.77 -10.37
CA GLU A 111 -0.70 0.34 -10.28
C GLU A 111 -2.11 0.00 -9.91
N LEU A 112 -2.67 0.76 -8.98
CA LEU A 112 -4.09 0.58 -8.61
C LEU A 112 -5.07 0.74 -9.78
N ALA A 113 -4.95 1.86 -10.48
CA ALA A 113 -5.79 2.14 -11.64
C ALA A 113 -5.70 1.02 -12.69
N ARG A 114 -4.51 0.45 -12.85
CA ARG A 114 -4.27 -0.55 -13.87
C ARG A 114 -4.80 -1.93 -13.47
N VAL A 115 -4.75 -2.23 -12.19
CA VAL A 115 -5.26 -3.51 -11.72
C VAL A 115 -6.79 -3.50 -11.78
N VAL A 116 -7.40 -2.40 -11.34
CA VAL A 116 -8.84 -2.28 -11.49
C VAL A 116 -9.14 -2.32 -12.96
N ASP A 117 -8.39 -1.56 -13.75
CA ASP A 117 -8.69 -1.48 -15.17
C ASP A 117 -8.76 -2.88 -15.74
N ARG A 118 -7.75 -3.70 -15.44
CA ARG A 118 -7.65 -5.03 -16.00
C ARG A 118 -8.79 -5.89 -15.56
N SER A 119 -9.06 -5.86 -14.25
CA SER A 119 -10.14 -6.67 -13.71
CA SER A 119 -10.13 -6.68 -13.72
C SER A 119 -11.43 -6.34 -14.44
N LEU A 120 -11.68 -5.05 -14.66
CA LEU A 120 -12.89 -4.64 -15.36
C LEU A 120 -12.89 -5.10 -16.81
N ARG A 121 -11.79 -4.82 -17.47
CA ARG A 121 -11.65 -5.02 -18.91
C ARG A 121 -11.55 -6.50 -19.25
N ASP A 122 -10.84 -7.26 -18.44
CA ASP A 122 -10.57 -8.66 -18.76
C ASP A 122 -11.69 -9.59 -18.31
N SER A 123 -12.54 -9.12 -17.43
CA SER A 123 -13.72 -9.85 -17.02
C SER A 123 -14.87 -9.74 -18.04
N LYS A 124 -14.79 -8.74 -18.93
CA LYS A 124 -15.89 -8.46 -19.86
C LYS A 124 -17.17 -7.99 -19.18
N ALA A 125 -17.06 -7.53 -17.94
CA ALA A 125 -18.22 -7.03 -17.21
C ALA A 125 -18.82 -5.85 -17.96
N LEU A 126 -17.95 -5.00 -18.48
CA LEU A 126 -18.35 -3.88 -19.31
C LEU A 126 -18.02 -4.20 -20.76
N ASP A 127 -19.04 -4.49 -21.56
CA ASP A 127 -18.84 -4.77 -22.96
C ASP A 127 -18.69 -3.48 -23.77
N LEU A 128 -17.46 -3.17 -24.13
CA LEU A 128 -17.16 -1.89 -24.76
C LEU A 128 -17.82 -1.70 -26.12
N THR A 129 -18.16 -2.80 -26.78
CA THR A 129 -18.84 -2.74 -28.08
C THR A 129 -20.29 -2.24 -27.95
N LYS A 130 -20.80 -2.25 -26.73
CA LYS A 130 -22.10 -1.70 -26.39
C LYS A 130 -22.13 -0.17 -26.30
N LEU A 131 -20.95 0.46 -26.32
CA LEU A 131 -20.86 1.91 -26.11
C LEU A 131 -20.65 2.67 -27.41
N VAL A 132 -20.81 1.95 -28.52
CA VAL A 132 -20.74 2.53 -29.84
C VAL A 132 -22.06 3.28 -30.18
N ILE A 133 -21.97 4.25 -31.07
CA ILE A 133 -23.08 5.16 -31.35
C ILE A 133 -23.31 5.19 -32.85
N GLU A 134 -22.27 5.58 -33.58
CA GLU A 134 -22.18 5.33 -35.01
C GLU A 134 -20.83 4.66 -35.26
N PRO A 135 -20.83 3.34 -35.51
CA PRO A 135 -19.58 2.55 -35.51
C PRO A 135 -18.47 3.20 -36.31
N GLY A 136 -17.27 3.25 -35.73
CA GLY A 136 -16.10 3.80 -36.40
C GLY A 136 -15.92 5.30 -36.31
N LYS A 137 -17.00 6.02 -35.99
CA LYS A 137 -16.99 7.48 -35.99
C LYS A 137 -17.27 8.12 -34.63
N SER A 138 -17.95 7.39 -33.74
CA SER A 138 -18.30 7.94 -32.45
C SER A 138 -18.73 6.89 -31.43
N VAL A 139 -18.12 6.94 -30.26
CA VAL A 139 -18.41 5.98 -29.20
C VAL A 139 -18.47 6.74 -27.89
N TRP A 140 -18.88 6.07 -26.82
CA TRP A 140 -18.88 6.68 -25.50
C TRP A 140 -17.51 6.39 -24.87
N THR A 141 -16.94 7.41 -24.22
CA THR A 141 -15.79 7.19 -23.37
C THR A 141 -16.26 7.24 -21.93
N VAL A 142 -16.11 6.12 -21.24
CA VAL A 142 -16.36 6.06 -19.82
C VAL A 142 -15.11 6.45 -19.04
N TRP A 143 -15.16 7.61 -18.39
CA TRP A 143 -14.09 8.04 -17.50
C TRP A 143 -14.45 7.61 -16.09
N LEU A 144 -13.62 6.75 -15.53
CA LEU A 144 -13.75 6.33 -14.16
C LEU A 144 -12.63 6.92 -13.32
N ASP A 145 -12.97 7.89 -12.48
CA ASP A 145 -11.99 8.47 -11.56
C ASP A 145 -12.22 7.98 -10.14
N VAL A 146 -11.17 7.48 -9.52
CA VAL A 146 -11.27 6.86 -8.20
C VAL A 146 -10.44 7.59 -7.15
N TYR A 147 -11.10 8.14 -6.15
CA TYR A 147 -10.44 8.97 -5.15
C TYR A 147 -10.40 8.36 -3.75
N VAL A 148 -9.23 7.90 -3.34
CA VAL A 148 -9.03 7.42 -1.98
C VAL A 148 -8.99 8.60 -1.00
N LEU A 149 -9.98 8.66 -0.11
CA LEU A 149 -10.06 9.75 0.87
C LEU A 149 -9.47 9.40 2.23
N ASP A 150 -9.51 8.12 2.60
CA ASP A 150 -9.00 7.66 3.90
C ASP A 150 -8.29 6.33 3.72
N TYR A 151 -7.00 6.31 4.00
CA TYR A 151 -6.16 5.15 3.73
C TYR A 151 -6.06 4.31 4.99
N GLY A 152 -6.81 3.22 5.05
CA GLY A 152 -6.87 2.41 6.25
C GLY A 152 -6.64 0.95 5.97
N GLY A 153 -5.97 0.66 4.86
CA GLY A 153 -5.64 -0.72 4.54
C GLY A 153 -6.54 -1.26 3.45
N ASN A 154 -5.98 -2.15 2.62
CA ASN A 154 -6.70 -2.82 1.56
C ASN A 154 -7.41 -1.85 0.61
N VAL A 155 -6.71 -0.79 0.25
CA VAL A 155 -7.19 0.17 -0.74
C VAL A 155 -7.64 -0.47 -2.09
N LEU A 156 -6.90 -1.45 -2.59
CA LEU A 156 -7.25 -2.03 -3.87
C LEU A 156 -8.67 -2.61 -3.92
N ASP A 157 -9.00 -3.54 -3.04
CA ASP A 157 -10.33 -4.10 -2.99
C ASP A 157 -11.43 -3.03 -2.98
N ALA A 158 -11.22 -1.97 -2.19
CA ALA A 158 -12.23 -0.94 -2.01
C ALA A 158 -12.42 -0.11 -3.30
N CYS A 159 -11.32 0.14 -3.98
CA CYS A 159 -11.34 0.79 -5.29
C CYS A 159 -12.15 -0.02 -6.31
N THR A 160 -12.09 -1.33 -6.19
CA THR A 160 -12.75 -2.20 -7.13
C THR A 160 -14.22 -2.15 -6.84
N LEU A 161 -14.58 -2.31 -5.58
CA LEU A 161 -15.98 -2.22 -5.15
C LEU A 161 -16.58 -0.88 -5.57
N ALA A 162 -15.86 0.19 -5.28
CA ALA A 162 -16.31 1.53 -5.64
C ALA A 162 -16.47 1.63 -7.16
N SER A 163 -15.47 1.17 -7.90
CA SER A 163 -15.53 1.22 -9.36
C SER A 163 -16.76 0.51 -9.92
N VAL A 164 -16.96 -0.73 -9.49
CA VAL A 164 -18.10 -1.49 -9.98
C VAL A 164 -19.39 -0.76 -9.64
N ALA A 165 -19.47 -0.28 -8.41
CA ALA A 165 -20.68 0.38 -7.94
C ALA A 165 -20.97 1.64 -8.73
N ALA A 166 -19.93 2.42 -9.00
CA ALA A 166 -20.09 3.65 -9.76
C ALA A 166 -20.56 3.37 -11.19
N LEU A 167 -19.99 2.33 -11.79
CA LEU A 167 -20.44 1.88 -13.11
C LEU A 167 -21.91 1.47 -13.10
N TYR A 168 -22.31 0.64 -12.16
CA TYR A 168 -23.70 0.22 -12.12
C TYR A 168 -24.60 1.43 -11.93
N ASN A 169 -24.07 2.42 -11.21
CA ASN A 169 -24.79 3.65 -10.89
C ASN A 169 -24.79 4.69 -12.01
N THR A 170 -24.19 4.38 -13.15
CA THR A 170 -24.02 5.38 -14.20
C THR A 170 -25.26 5.63 -15.05
N LYS A 171 -25.67 6.90 -15.08
CA LYS A 171 -26.79 7.34 -15.89
C LYS A 171 -26.28 7.69 -17.28
N VAL A 172 -27.05 7.33 -18.30
CA VAL A 172 -26.70 7.67 -19.66
C VAL A 172 -27.74 8.60 -20.25
N TYR A 173 -27.29 9.51 -21.10
CA TYR A 173 -28.18 10.53 -21.63
C TYR A 173 -28.51 10.35 -23.12
N LYS A 174 -29.62 10.94 -23.54
CA LYS A 174 -30.06 10.85 -24.92
C LYS A 174 -29.06 11.60 -25.78
N VAL A 175 -28.72 11.01 -26.93
CA VAL A 175 -27.87 11.67 -27.91
C VAL A 175 -28.75 12.23 -29.01
N GLU A 176 -28.42 13.43 -29.47
CA GLU A 176 -29.22 14.08 -30.52
C GLU A 176 -28.41 14.26 -31.79
N GLN A 177 -29.01 13.92 -32.92
CA GLN A 177 -28.34 14.06 -34.21
C GLN A 177 -28.65 15.43 -34.80
N HIS A 178 -27.80 15.89 -35.72
CA HIS A 178 -28.01 17.21 -36.32
C HIS A 178 -27.49 17.29 -37.76
N ILE A 182 -24.22 15.82 -33.63
CA ILE A 182 -24.45 14.84 -32.57
C ILE A 182 -24.12 15.42 -31.21
N SER A 183 -25.17 15.80 -30.46
CA SER A 183 -25.03 16.39 -29.13
C SER A 183 -25.45 15.42 -28.01
N VAL A 184 -25.31 15.86 -26.77
CA VAL A 184 -25.82 15.08 -25.64
C VAL A 184 -26.84 15.91 -24.86
N ASN A 185 -28.09 15.46 -24.82
CA ASN A 185 -29.11 16.11 -23.98
C ASN A 185 -29.07 15.58 -22.57
N LYS A 186 -28.47 16.36 -21.68
CA LYS A 186 -28.31 15.93 -20.31
C LYS A 186 -29.55 16.22 -19.47
N ASN A 187 -30.62 16.65 -20.13
CA ASN A 187 -31.91 16.82 -19.48
C ASN A 187 -32.65 15.50 -19.47
N GLU A 188 -32.19 14.57 -20.30
CA GLU A 188 -32.92 13.35 -20.57
C GLU A 188 -32.06 12.10 -20.36
N VAL A 189 -32.18 11.47 -19.19
CA VAL A 189 -31.52 10.19 -18.95
C VAL A 189 -32.26 9.10 -19.70
N VAL A 190 -31.54 8.32 -20.51
CA VAL A 190 -32.17 7.30 -21.33
C VAL A 190 -31.77 5.88 -20.94
N GLY A 191 -31.13 5.73 -19.78
CA GLY A 191 -30.72 4.41 -19.32
C GLY A 191 -29.54 4.40 -18.37
N LYS A 192 -29.02 3.20 -18.11
CA LYS A 192 -27.84 3.02 -17.29
C LYS A 192 -26.81 2.26 -18.11
N LEU A 193 -25.53 2.54 -17.86
CA LEU A 193 -24.47 1.76 -18.47
C LEU A 193 -24.83 0.28 -18.35
N PRO A 194 -24.71 -0.48 -19.46
CA PRO A 194 -25.00 -1.92 -19.46
C PRO A 194 -23.82 -2.76 -18.96
N LEU A 195 -24.03 -3.43 -17.84
CA LEU A 195 -23.02 -4.33 -17.30
C LEU A 195 -23.52 -5.77 -17.32
N ASN A 196 -22.62 -6.70 -17.61
CA ASN A 196 -22.98 -8.10 -17.64
C ASN A 196 -23.17 -8.63 -16.22
N TYR A 197 -22.30 -8.18 -15.32
CA TYR A 197 -22.24 -8.67 -13.93
C TYR A 197 -21.27 -7.85 -13.10
N PRO A 198 -21.31 -8.02 -11.78
CA PRO A 198 -20.27 -7.35 -10.97
C PRO A 198 -18.94 -8.12 -10.97
N VAL A 199 -17.93 -7.52 -10.36
CA VAL A 199 -16.64 -8.18 -10.20
C VAL A 199 -16.07 -7.79 -8.85
N VAL A 200 -15.38 -8.70 -8.18
CA VAL A 200 -14.67 -8.34 -6.96
C VAL A 200 -13.19 -8.68 -7.04
N THR A 201 -12.38 -7.89 -6.37
CA THR A 201 -10.97 -8.23 -6.09
C THR A 201 -10.83 -8.57 -4.60
N ILE A 202 -10.09 -9.63 -4.30
CA ILE A 202 -9.95 -10.13 -2.93
C ILE A 202 -8.47 -10.19 -2.60
N SER A 203 -8.07 -9.34 -1.67
CA SER A 203 -6.66 -9.27 -1.34
C SER A 203 -6.40 -10.10 -0.12
N VAL A 204 -5.33 -10.88 -0.20
CA VAL A 204 -4.95 -11.78 0.86
C VAL A 204 -3.52 -11.47 1.25
N ALA A 205 -3.32 -11.00 2.48
CA ALA A 205 -1.98 -10.68 2.93
C ALA A 205 -1.36 -11.91 3.56
N LYS A 206 -0.07 -12.08 3.35
CA LYS A 206 0.70 -13.04 4.11
C LYS A 206 1.42 -12.33 5.26
N VAL A 207 1.04 -12.68 6.48
CA VAL A 207 1.67 -12.11 7.64
C VAL A 207 2.20 -13.27 8.42
N ASP A 208 3.51 -13.50 8.31
CA ASP A 208 4.12 -14.60 9.04
C ASP A 208 3.72 -15.93 8.47
N LYS A 209 3.33 -16.82 9.36
CA LYS A 209 2.87 -18.14 8.94
C LYS A 209 1.41 -18.03 8.50
N TYR A 210 0.89 -16.81 8.53
CA TYR A 210 -0.55 -16.61 8.39
C TYR A 210 -0.97 -15.89 7.12
N LEU A 211 -2.10 -16.33 6.57
CA LEU A 211 -2.79 -15.67 5.47
C LEU A 211 -4.02 -14.94 6.00
N VAL A 212 -4.18 -13.69 5.58
CA VAL A 212 -5.21 -12.85 6.16
C VAL A 212 -5.98 -12.16 5.05
N VAL A 213 -7.30 -12.24 5.13
CA VAL A 213 -8.14 -11.51 4.17
C VAL A 213 -8.38 -10.08 4.63
N ASP A 214 -8.29 -9.16 3.68
CA ASP A 214 -8.65 -7.75 3.92
C ASP A 214 -7.87 -7.19 5.10
N PRO A 215 -6.56 -7.01 4.90
CA PRO A 215 -5.65 -6.49 5.93
C PRO A 215 -5.96 -5.03 6.29
N ASP A 216 -5.92 -4.68 7.58
CA ASP A 216 -6.00 -3.25 7.93
C ASP A 216 -4.63 -2.59 7.81
N LEU A 217 -4.49 -1.40 8.38
CA LEU A 217 -3.32 -0.60 8.13
C LEU A 217 -2.14 -1.20 8.86
N ASP A 218 -2.37 -1.55 10.12
CA ASP A 218 -1.33 -2.14 10.94
C ASP A 218 -0.82 -3.43 10.36
N GLU A 219 -1.73 -4.24 9.84
CA GLU A 219 -1.38 -5.53 9.29
C GLU A 219 -0.65 -5.37 7.98
N GLU A 220 -1.05 -4.38 7.19
CA GLU A 220 -0.40 -4.17 5.90
C GLU A 220 1.05 -3.77 6.12
N SER A 221 1.33 -3.13 7.27
CA SER A 221 2.66 -2.60 7.57
CA SER A 221 2.65 -2.60 7.61
C SER A 221 3.61 -3.65 8.18
N ILE A 222 3.13 -4.87 8.37
CA ILE A 222 3.96 -5.97 8.89
C ILE A 222 3.87 -7.22 8.00
N MET A 223 3.06 -7.12 6.94
CA MET A 223 2.88 -8.22 5.99
C MET A 223 4.10 -8.43 5.09
N ASP A 224 4.42 -9.69 4.80
CA ASP A 224 5.56 -10.01 3.94
C ASP A 224 5.27 -9.62 2.48
N ALA A 225 4.05 -9.93 2.05
CA ALA A 225 3.56 -9.52 0.74
C ALA A 225 2.06 -9.75 0.76
N LYS A 226 1.39 -9.36 -0.33
CA LYS A 226 -0.02 -9.65 -0.48
C LYS A 226 -0.31 -10.10 -1.90
N ILE A 227 -1.46 -10.72 -2.10
CA ILE A 227 -1.84 -11.16 -3.43
C ILE A 227 -3.34 -10.99 -3.64
N SER A 228 -3.69 -10.35 -4.74
CA SER A 228 -5.07 -9.99 -5.04
CA SER A 228 -5.08 -10.00 -5.03
C SER A 228 -5.62 -10.81 -6.20
N PHE A 229 -6.82 -11.37 -6.02
CA PHE A 229 -7.43 -12.17 -7.07
C PHE A 229 -8.77 -11.55 -7.38
N SER A 230 -9.05 -11.35 -8.67
CA SER A 230 -10.34 -10.82 -9.10
C SER A 230 -11.28 -11.92 -9.61
N TYR A 231 -12.55 -11.85 -9.20
CA TYR A 231 -13.54 -12.84 -9.63
C TYR A 231 -14.82 -12.22 -10.21
N THR A 232 -15.39 -12.95 -11.16
CA THR A 232 -16.72 -12.70 -11.66
C THR A 232 -17.61 -13.68 -10.91
N PRO A 233 -18.93 -13.56 -11.06
CA PRO A 233 -19.88 -14.38 -10.30
C PRO A 233 -19.75 -15.86 -10.58
N ASP A 234 -19.31 -16.25 -11.77
CA ASP A 234 -19.12 -17.67 -12.06
C ASP A 234 -17.80 -18.14 -11.48
N LEU A 235 -17.11 -17.22 -10.82
CA LEU A 235 -15.89 -17.50 -10.09
C LEU A 235 -14.73 -17.90 -10.99
N LYS A 236 -14.77 -17.46 -12.23
CA LYS A 236 -13.55 -17.40 -13.04
C LYS A 236 -12.56 -16.40 -12.43
N ILE A 237 -11.28 -16.72 -12.55
CA ILE A 237 -10.24 -15.78 -12.17
C ILE A 237 -9.98 -14.80 -13.32
N VAL A 238 -10.15 -13.51 -13.06
CA VAL A 238 -10.07 -12.52 -14.11
C VAL A 238 -8.99 -11.46 -13.88
N GLY A 239 -8.10 -11.76 -12.95
CA GLY A 239 -7.00 -10.87 -12.65
C GLY A 239 -6.31 -11.38 -11.41
N ILE A 240 -4.98 -11.42 -11.46
CA ILE A 240 -4.18 -11.70 -10.28
C ILE A 240 -3.02 -10.72 -10.24
N GLN A 241 -2.71 -10.22 -9.03
CA GLN A 241 -1.54 -9.33 -8.84
C GLN A 241 -0.88 -9.54 -7.47
N LYS A 242 0.35 -10.04 -7.46
CA LYS A 242 1.20 -10.04 -6.27
C LYS A 242 1.88 -8.68 -6.11
N SER A 243 1.86 -8.14 -4.90
CA SER A 243 2.60 -6.92 -4.64
C SER A 243 3.31 -7.00 -3.30
N GLY A 244 4.21 -6.06 -3.05
CA GLY A 244 4.97 -6.09 -1.83
C GLY A 244 6.33 -6.70 -2.03
N LYS A 245 7.21 -6.48 -1.06
CA LYS A 245 8.64 -6.78 -1.17
C LYS A 245 9.01 -8.23 -0.87
N GLY A 246 8.10 -8.94 -0.22
CA GLY A 246 8.40 -10.30 0.21
C GLY A 246 8.00 -11.30 -0.84
N SER A 247 8.53 -12.50 -0.74
CA SER A 247 8.10 -13.56 -1.62
C SER A 247 7.08 -14.45 -0.92
N MET A 248 6.60 -15.42 -1.66
CA MET A 248 5.51 -16.28 -1.23
C MET A 248 5.81 -17.64 -1.81
N SER A 249 5.57 -18.68 -1.01
CA SER A 249 5.81 -20.02 -1.50
C SER A 249 4.70 -20.40 -2.45
N LEU A 250 4.92 -21.45 -3.24
CA LEU A 250 3.91 -21.94 -4.17
C LEU A 250 2.61 -22.35 -3.46
N GLN A 251 2.74 -23.05 -2.33
CA GLN A 251 1.60 -23.45 -1.53
C GLN A 251 0.87 -22.26 -0.94
N ASP A 252 1.62 -21.21 -0.60
CA ASP A 252 1.05 -19.99 -0.09
C ASP A 252 0.01 -19.43 -1.06
N ILE A 253 0.44 -19.25 -2.30
CA ILE A 253 -0.41 -18.73 -3.36
C ILE A 253 -1.58 -19.67 -3.65
N ASP A 254 -1.33 -20.97 -3.65
CA ASP A 254 -2.42 -21.91 -3.82
C ASP A 254 -3.51 -21.76 -2.74
N GLN A 255 -3.10 -21.71 -1.48
CA GLN A 255 -4.05 -21.58 -0.40
C GLN A 255 -4.74 -20.23 -0.41
N ALA A 256 -4.06 -19.22 -0.96
CA ALA A 256 -4.61 -17.86 -0.94
C ALA A 256 -5.78 -17.72 -1.93
N GLU A 257 -5.62 -18.31 -3.11
CA GLU A 257 -6.67 -18.28 -4.12
C GLU A 257 -7.89 -19.07 -3.63
N ASN A 258 -7.63 -20.18 -2.96
CA ASN A 258 -8.69 -21.01 -2.45
C ASN A 258 -9.50 -20.23 -1.42
N THR A 259 -8.78 -19.52 -0.58
CA THR A 259 -9.37 -18.64 0.42
C THR A 259 -10.02 -17.40 -0.19
N ALA A 260 -9.30 -16.76 -1.12
CA ALA A 260 -9.82 -15.62 -1.85
C ALA A 260 -11.16 -15.94 -2.52
N ARG A 261 -11.19 -17.03 -3.29
CA ARG A 261 -12.38 -17.44 -4.03
C ARG A 261 -13.56 -17.71 -3.09
N SER A 262 -13.27 -18.33 -1.96
CA SER A 262 -14.27 -18.62 -0.97
CA SER A 262 -14.28 -18.61 -0.96
C SER A 262 -14.86 -17.31 -0.43
N THR A 263 -14.00 -16.32 -0.22
CA THR A 263 -14.42 -15.05 0.31
C THR A 263 -15.24 -14.31 -0.73
N ALA A 264 -14.86 -14.47 -1.99
CA ALA A 264 -15.53 -13.73 -3.06
C ALA A 264 -17.02 -14.08 -3.15
N VAL A 265 -17.35 -15.33 -2.95
CA VAL A 265 -18.75 -15.72 -3.00
C VAL A 265 -19.62 -14.80 -2.12
N LYS A 266 -19.17 -14.59 -0.89
CA LYS A 266 -19.88 -13.76 0.08
C LYS A 266 -19.87 -12.30 -0.32
N LEU A 267 -18.68 -11.77 -0.61
CA LEU A 267 -18.50 -10.40 -1.08
C LEU A 267 -19.37 -10.05 -2.28
N LEU A 268 -19.45 -10.95 -3.25
CA LEU A 268 -20.34 -10.79 -4.40
C LEU A 268 -21.83 -10.72 -4.02
N GLU A 269 -22.29 -11.60 -3.14
CA GLU A 269 -23.68 -11.49 -2.71
C GLU A 269 -23.89 -10.14 -2.05
N GLU A 270 -22.97 -9.77 -1.19
CA GLU A 270 -23.09 -8.52 -0.46
C GLU A 270 -23.18 -7.35 -1.43
N LEU A 271 -22.21 -7.26 -2.34
CA LEU A 271 -22.20 -6.22 -3.37
C LEU A 271 -23.49 -6.18 -4.19
N LYS A 272 -23.99 -7.34 -4.61
CA LYS A 272 -25.23 -7.39 -5.35
C LYS A 272 -26.38 -6.76 -4.55
N LYS A 273 -26.52 -7.13 -3.27
CA LYS A 273 -27.48 -6.47 -2.37
C LYS A 273 -27.42 -4.93 -2.43
N HIS A 274 -26.22 -4.39 -2.33
CA HIS A 274 -26.05 -2.95 -2.31
C HIS A 274 -26.41 -2.32 -3.65
N LEU A 275 -26.13 -3.03 -4.75
CA LEU A 275 -26.30 -2.47 -6.09
C LEU A 275 -27.74 -2.56 -6.60
N GLY A 276 -28.58 -3.30 -5.85
CA GLY A 276 -29.96 -3.55 -6.25
C GLY A 276 -30.15 -4.81 -7.09
N ILE A 277 -29.07 -5.25 -7.76
CA ILE A 277 -29.15 -6.40 -8.65
C ILE A 277 -29.25 -7.73 -7.89
N GLU B 10 -8.24 -14.54 -30.62
CA GLU B 10 -9.67 -14.30 -30.80
C GLU B 10 -10.06 -14.28 -32.30
N ARG B 11 -9.07 -14.09 -33.17
CA ARG B 11 -9.29 -14.08 -34.63
C ARG B 11 -8.39 -15.07 -35.38
N PRO B 12 -7.05 -14.86 -35.33
CA PRO B 12 -6.13 -15.87 -35.86
C PRO B 12 -6.25 -17.21 -35.12
N LYS B 13 -5.97 -18.30 -35.81
CA LYS B 13 -5.91 -19.60 -35.17
C LYS B 13 -4.57 -19.74 -34.44
N LEU B 14 -4.61 -19.89 -33.12
CA LEU B 14 -3.39 -19.90 -32.30
C LEU B 14 -2.84 -21.30 -32.11
N ILE B 15 -3.71 -22.29 -32.19
CA ILE B 15 -3.32 -23.69 -32.18
C ILE B 15 -3.81 -24.32 -33.46
N LEU B 16 -2.90 -24.85 -34.27
CA LEU B 16 -3.27 -25.39 -35.58
C LEU B 16 -3.77 -26.86 -35.51
N ASP B 17 -4.37 -27.34 -36.60
CA ASP B 17 -4.92 -28.68 -36.62
C ASP B 17 -3.87 -29.75 -36.25
N ASP B 18 -2.60 -29.46 -36.53
CA ASP B 18 -1.52 -30.36 -36.13
C ASP B 18 -1.25 -30.25 -34.63
N GLY B 19 -2.06 -29.44 -33.96
CA GLY B 19 -1.96 -29.26 -32.53
C GLY B 19 -0.77 -28.45 -32.07
N LYS B 20 -0.04 -27.84 -33.00
CA LYS B 20 1.09 -26.98 -32.65
C LYS B 20 0.74 -25.49 -32.69
N ARG B 21 1.71 -24.66 -32.31
CA ARG B 21 1.51 -23.21 -32.23
C ARG B 21 2.01 -22.47 -33.47
N THR B 22 1.65 -21.20 -33.54
CA THR B 22 1.92 -20.37 -34.70
C THR B 22 3.39 -20.33 -35.07
N ASP B 23 4.26 -20.63 -34.11
CA ASP B 23 5.69 -20.70 -34.39
C ASP B 23 6.20 -22.12 -34.45
N GLY B 24 5.28 -23.09 -34.43
CA GLY B 24 5.63 -24.48 -34.57
C GLY B 24 5.90 -25.22 -33.28
N ARG B 25 5.90 -24.51 -32.15
CA ARG B 25 6.18 -25.10 -30.86
C ARG B 25 5.03 -25.96 -30.31
N LYS B 26 5.37 -26.97 -29.54
CA LYS B 26 4.37 -27.65 -28.73
C LYS B 26 3.98 -26.74 -27.54
N PRO B 27 2.80 -26.96 -26.97
CA PRO B 27 2.34 -26.13 -25.86
C PRO B 27 3.28 -26.10 -24.67
N ASP B 28 4.09 -27.16 -24.51
CA ASP B 28 5.02 -27.24 -23.38
C ASP B 28 6.47 -26.93 -23.75
N GLU B 29 6.66 -26.18 -24.81
CA GLU B 29 7.99 -25.88 -25.33
C GLU B 29 8.35 -24.39 -25.21
N LEU B 30 9.60 -24.13 -24.82
CA LEU B 30 10.11 -22.77 -24.69
C LEU B 30 10.67 -22.21 -26.01
N ARG B 31 10.76 -20.88 -26.07
CA ARG B 31 11.52 -20.22 -27.13
C ARG B 31 13.00 -20.36 -26.81
N SER B 32 13.87 -20.24 -27.82
CA SER B 32 15.30 -20.39 -27.55
C SER B 32 15.81 -19.23 -26.70
N ILE B 33 16.80 -19.55 -25.89
CA ILE B 33 17.34 -18.60 -24.92
C ILE B 33 18.82 -18.34 -25.18
N LYS B 34 19.23 -17.10 -24.98
CA LYS B 34 20.61 -16.71 -25.18
C LYS B 34 20.94 -15.66 -24.13
N ILE B 35 22.05 -15.85 -23.45
CA ILE B 35 22.47 -14.96 -22.37
C ILE B 35 23.90 -14.48 -22.61
N GLU B 36 24.18 -13.22 -22.27
CA GLU B 36 25.53 -12.68 -22.41
C GLU B 36 25.84 -11.87 -21.16
N LEU B 37 27.06 -12.00 -20.64
CA LEU B 37 27.40 -11.31 -19.41
C LEU B 37 28.53 -10.33 -19.59
N GLY B 38 28.60 -9.32 -18.72
CA GLY B 38 29.68 -8.36 -18.79
C GLY B 38 29.77 -7.67 -20.14
N VAL B 39 28.64 -7.18 -20.63
CA VAL B 39 28.63 -6.55 -21.94
C VAL B 39 28.97 -5.04 -21.87
N LEU B 40 28.77 -4.43 -20.72
CA LEU B 40 29.00 -3.01 -20.58
C LEU B 40 30.17 -2.76 -19.67
N LYS B 41 31.20 -2.12 -20.22
CA LYS B 41 32.47 -1.93 -19.51
C LYS B 41 32.33 -1.01 -18.31
N ASN B 42 31.47 -0.01 -18.41
CA ASN B 42 31.33 1.00 -17.36
C ASN B 42 30.38 0.65 -16.23
N ALA B 43 29.55 -0.35 -16.43
CA ALA B 43 28.62 -0.73 -15.40
C ALA B 43 29.31 -1.71 -14.46
N ASP B 44 28.91 -1.69 -13.19
CA ASP B 44 29.42 -2.67 -12.25
C ASP B 44 28.94 -4.07 -12.62
N GLY B 45 27.78 -4.18 -13.27
CA GLY B 45 27.25 -5.46 -13.72
C GLY B 45 26.35 -5.34 -14.95
N SER B 46 26.44 -6.29 -15.87
CA SER B 46 25.70 -6.19 -17.13
C SER B 46 25.24 -7.56 -17.64
N ALA B 47 24.14 -7.59 -18.40
CA ALA B 47 23.67 -8.83 -19.04
C ALA B 47 22.71 -8.56 -20.19
N ILE B 48 22.76 -9.43 -21.20
CA ILE B 48 21.69 -9.47 -22.20
C ILE B 48 21.02 -10.84 -22.16
N PHE B 49 19.70 -10.83 -22.13
CA PHE B 49 18.90 -12.03 -22.06
C PHE B 49 18.02 -12.00 -23.28
N GLU B 50 18.07 -13.05 -24.10
CA GLU B 50 17.11 -13.17 -25.18
C GLU B 50 16.24 -14.41 -24.97
N MET B 51 14.95 -14.23 -25.22
CA MET B 51 14.00 -15.32 -25.15
C MET B 51 13.14 -15.24 -26.42
N GLY B 52 13.45 -16.10 -27.38
CA GLY B 52 12.91 -15.92 -28.72
C GLY B 52 13.25 -14.53 -29.25
N ASN B 53 12.23 -13.79 -29.64
CA ASN B 53 12.42 -12.44 -30.13
C ASN B 53 12.38 -11.35 -29.05
N THR B 54 12.36 -11.74 -27.79
CA THR B 54 12.33 -10.74 -26.72
C THR B 54 13.76 -10.50 -26.21
N LYS B 55 14.22 -9.26 -26.30
CA LYS B 55 15.61 -8.95 -25.98
C LYS B 55 15.64 -7.87 -24.91
N ALA B 56 16.52 -8.05 -23.94
CA ALA B 56 16.66 -7.07 -22.87
C ALA B 56 18.11 -6.94 -22.45
N ILE B 57 18.51 -5.74 -22.04
CA ILE B 57 19.82 -5.56 -21.45
C ILE B 57 19.68 -4.85 -20.13
N ALA B 58 20.54 -5.21 -19.17
CA ALA B 58 20.53 -4.60 -17.86
C ALA B 58 21.93 -4.20 -17.39
N ALA B 59 21.99 -3.07 -16.71
CA ALA B 59 23.20 -2.60 -16.04
C ALA B 59 22.88 -2.32 -14.57
N VAL B 60 23.83 -2.70 -13.71
CA VAL B 60 23.78 -2.53 -12.28
C VAL B 60 24.89 -1.59 -11.88
N TYR B 61 24.58 -0.63 -11.01
CA TYR B 61 25.60 0.23 -10.45
C TYR B 61 25.74 0.04 -8.95
N GLY B 62 26.84 -0.65 -8.59
CA GLY B 62 27.07 -1.32 -7.31
C GLY B 62 26.74 -0.50 -6.10
N PRO B 63 26.69 -1.13 -4.93
CA PRO B 63 26.19 -0.36 -3.79
C PRO B 63 27.02 0.89 -3.66
N LYS B 64 26.33 2.02 -3.50
CA LYS B 64 26.97 3.31 -3.35
C LYS B 64 26.10 4.12 -2.39
N GLU B 65 26.74 4.87 -1.51
CA GLU B 65 26.03 5.81 -0.64
C GLU B 65 25.06 6.67 -1.43
N MET B 66 23.78 6.62 -1.04
CA MET B 66 22.73 7.40 -1.65
C MET B 66 22.70 8.82 -1.10
N HIS B 67 22.91 9.80 -1.97
CA HIS B 67 23.16 11.18 -1.53
C HIS B 67 22.09 11.85 -0.64
N PRO B 68 20.79 11.77 -1.03
CA PRO B 68 19.72 12.55 -0.39
C PRO B 68 19.96 13.20 1.00
N ARG B 69 20.14 12.45 2.10
CA ARG B 69 20.20 11.01 2.14
C ARG B 69 18.93 10.46 2.78
N HIS B 70 18.00 11.36 3.04
CA HIS B 70 16.77 11.01 3.74
C HIS B 70 15.93 10.03 2.93
N LEU B 71 16.41 9.66 1.74
CA LEU B 71 15.75 8.63 0.97
C LEU B 71 16.35 7.27 1.30
N SER B 72 17.58 7.29 1.81
CA SER B 72 18.27 6.07 2.20
C SER B 72 17.53 5.34 3.30
N LEU B 73 17.93 4.10 3.55
CA LEU B 73 17.38 3.36 4.68
C LEU B 73 18.50 3.04 5.65
N PRO B 74 18.21 3.14 6.95
CA PRO B 74 19.25 3.00 7.97
C PRO B 74 19.74 1.56 8.13
N ASP B 75 18.91 0.61 7.73
CA ASP B 75 19.16 -0.80 8.01
C ASP B 75 19.57 -1.62 6.79
N ARG B 76 19.25 -1.09 5.61
CA ARG B 76 19.48 -1.85 4.38
CA ARG B 76 19.42 -1.85 4.37
C ARG B 76 19.73 -0.90 3.21
N ALA B 77 19.95 -1.49 2.04
CA ALA B 77 20.14 -0.72 0.82
C ALA B 77 18.78 -0.48 0.18
N VAL B 78 18.71 0.57 -0.62
CA VAL B 78 17.53 0.90 -1.38
C VAL B 78 17.77 0.46 -2.80
N LEU B 79 16.85 -0.35 -3.35
CA LEU B 79 16.86 -0.67 -4.78
C LEU B 79 16.15 0.38 -5.61
N ARG B 80 16.82 0.84 -6.67
CA ARG B 80 16.20 1.72 -7.65
C ARG B 80 16.27 1.01 -9.00
N VAL B 81 15.12 0.88 -9.65
CA VAL B 81 14.99 0.00 -10.82
C VAL B 81 14.20 0.69 -11.91
N ARG B 82 14.62 0.48 -13.15
CA ARG B 82 13.92 1.08 -14.26
C ARG B 82 13.67 0.05 -15.33
N TYR B 83 12.40 -0.16 -15.62
CA TYR B 83 11.96 -0.91 -16.80
C TYR B 83 11.57 0.14 -17.83
N HIS B 84 12.12 -0.02 -19.04
CA HIS B 84 11.88 0.91 -20.13
C HIS B 84 12.08 0.19 -21.47
N MET B 85 11.27 0.56 -22.45
CA MET B 85 11.29 -0.07 -23.76
C MET B 85 11.76 0.98 -24.73
N THR B 86 12.66 0.60 -25.64
CA THR B 86 13.14 1.56 -26.61
C THR B 86 12.04 1.78 -27.65
N PRO B 87 12.03 2.95 -28.28
CA PRO B 87 11.00 3.27 -29.28
C PRO B 87 10.91 2.24 -30.42
N PHE B 88 12.01 1.57 -30.73
CA PHE B 88 12.02 0.67 -31.87
C PHE B 88 11.94 -0.78 -31.43
N SER B 89 11.71 -1.00 -30.14
CA SER B 89 11.59 -2.33 -29.57
C SER B 89 10.30 -3.00 -30.01
N THR B 90 9.36 -2.20 -30.51
CA THR B 90 8.02 -2.70 -30.85
C THR B 90 7.66 -2.53 -32.34
N ASP B 91 6.47 -2.97 -32.71
CA ASP B 91 6.03 -3.02 -34.10
C ASP B 91 5.76 -1.64 -34.63
N GLU B 92 5.04 -0.86 -33.82
CA GLU B 92 4.88 0.55 -34.10
C GLU B 92 5.68 1.33 -33.06
N ARG B 93 6.26 2.45 -33.46
CA ARG B 93 7.18 3.15 -32.57
C ARG B 93 6.50 3.56 -31.27
N LYS B 94 7.07 3.13 -30.15
CA LYS B 94 6.59 3.52 -28.84
C LYS B 94 7.22 4.86 -28.47
N ASN B 95 6.42 5.80 -27.94
CA ASN B 95 6.99 7.04 -27.43
C ASN B 95 7.91 6.74 -26.26
N PRO B 96 9.06 7.41 -26.19
CA PRO B 96 10.06 7.08 -25.16
C PRO B 96 9.68 7.50 -23.74
N ALA B 97 8.77 8.46 -23.60
CA ALA B 97 8.21 8.84 -22.30
C ALA B 97 7.56 7.62 -21.63
N PRO B 98 7.87 7.39 -20.35
CA PRO B 98 7.36 6.26 -19.57
C PRO B 98 5.84 6.19 -19.60
N SER B 99 5.29 5.06 -20.04
CA SER B 99 3.85 4.81 -20.02
C SER B 99 3.42 4.33 -18.62
N ARG B 100 2.12 4.38 -18.35
CA ARG B 100 1.57 3.82 -17.13
C ARG B 100 2.04 2.38 -16.94
N ARG B 101 1.98 1.62 -18.02
CA ARG B 101 2.43 0.23 -18.02
C ARG B 101 3.89 0.14 -17.56
N GLU B 102 4.77 0.96 -18.11
CA GLU B 102 6.18 0.91 -17.77
C GLU B 102 6.44 1.25 -16.31
N ILE B 103 5.66 2.19 -15.79
CA ILE B 103 5.71 2.53 -14.37
C ILE B 103 5.31 1.36 -13.47
N GLU B 104 4.16 0.75 -13.75
CA GLU B 104 3.75 -0.45 -13.05
C GLU B 104 4.86 -1.51 -13.05
N LEU B 105 5.40 -1.77 -14.23
CA LEU B 105 6.33 -2.88 -14.35
C LEU B 105 7.65 -2.57 -13.68
N SER B 106 7.98 -1.28 -13.55
CA SER B 106 9.20 -0.92 -12.84
C SER B 106 9.06 -1.33 -11.39
N LYS B 107 7.91 -1.03 -10.81
CA LYS B 107 7.58 -1.47 -9.44
C LYS B 107 7.50 -3.01 -9.29
N VAL B 108 6.84 -3.69 -10.22
CA VAL B 108 6.67 -5.13 -10.06
C VAL B 108 8.03 -5.83 -10.11
N ILE B 109 8.85 -5.41 -11.06
CA ILE B 109 10.21 -5.95 -11.18
C ILE B 109 11.07 -5.63 -9.96
N ARG B 110 11.03 -4.37 -9.53
CA ARG B 110 11.75 -4.01 -8.33
C ARG B 110 11.35 -4.92 -7.17
N GLU B 111 10.05 -5.05 -6.92
CA GLU B 111 9.60 -5.85 -5.78
C GLU B 111 10.04 -7.30 -5.93
N ALA B 112 10.15 -7.79 -7.16
CA ALA B 112 10.66 -9.14 -7.34
C ALA B 112 12.11 -9.25 -6.83
N LEU B 113 12.93 -8.27 -7.17
CA LEU B 113 14.35 -8.29 -6.83
C LEU B 113 14.55 -8.13 -5.33
N GLU B 114 13.60 -7.46 -4.69
CA GLU B 114 13.72 -7.11 -3.28
C GLU B 114 13.78 -8.34 -2.40
N SER B 115 13.19 -9.44 -2.88
CA SER B 115 13.19 -10.68 -2.14
CA SER B 115 13.20 -10.67 -2.10
C SER B 115 14.49 -11.45 -2.36
N ALA B 116 15.19 -11.13 -3.45
CA ALA B 116 16.45 -11.82 -3.78
C ALA B 116 17.71 -11.19 -3.18
N VAL B 117 17.82 -9.86 -3.29
CA VAL B 117 19.05 -9.14 -3.02
C VAL B 117 19.30 -8.89 -1.52
N LEU B 118 20.38 -9.46 -1.00
CA LEU B 118 20.73 -9.31 0.42
C LEU B 118 21.08 -7.86 0.73
N VAL B 119 20.05 -7.03 0.80
CA VAL B 119 20.16 -5.56 0.92
C VAL B 119 20.65 -5.06 2.26
N GLU B 120 20.43 -5.83 3.31
CA GLU B 120 20.81 -5.40 4.66
C GLU B 120 22.33 -5.41 4.84
N LEU B 121 23.03 -6.07 3.92
CA LEU B 121 24.49 -6.03 3.93
C LEU B 121 25.02 -4.59 3.82
N PHE B 122 24.29 -3.75 3.08
CA PHE B 122 24.74 -2.39 2.76
C PHE B 122 23.74 -1.31 3.15
N PRO B 123 23.58 -1.04 4.46
CA PRO B 123 22.63 0.02 4.80
C PRO B 123 23.03 1.40 4.29
N ARG B 124 22.04 2.26 4.08
CA ARG B 124 22.23 3.65 3.63
C ARG B 124 22.73 3.80 2.19
N THR B 125 22.70 2.72 1.43
CA THR B 125 23.18 2.74 0.06
C THR B 125 22.02 2.70 -0.92
N ALA B 126 22.33 2.94 -2.20
CA ALA B 126 21.42 2.62 -3.31
C ALA B 126 22.12 1.71 -4.32
N ILE B 127 21.35 0.78 -4.88
CA ILE B 127 21.82 -0.07 -5.96
C ILE B 127 20.90 0.21 -7.14
N ASP B 128 21.48 0.68 -8.23
CA ASP B 128 20.72 1.02 -9.42
C ASP B 128 20.71 -0.10 -10.47
N VAL B 129 19.50 -0.44 -10.89
CA VAL B 129 19.25 -1.47 -11.90
C VAL B 129 18.52 -0.85 -13.05
N PHE B 130 19.18 -0.78 -14.20
CA PHE B 130 18.57 -0.18 -15.39
C PHE B 130 18.42 -1.25 -16.45
N THR B 131 17.20 -1.49 -16.90
CA THR B 131 16.98 -2.51 -17.91
C THR B 131 16.27 -1.89 -19.09
N GLU B 132 16.72 -2.22 -20.29
CA GLU B 132 16.11 -1.69 -21.49
C GLU B 132 15.58 -2.80 -22.38
N ILE B 133 14.35 -2.66 -22.86
CA ILE B 133 13.83 -3.62 -23.82
C ILE B 133 14.14 -3.19 -25.25
N LEU B 134 14.98 -3.98 -25.92
CA LEU B 134 15.48 -3.70 -27.26
C LEU B 134 14.60 -4.36 -28.31
N GLN B 135 13.97 -5.46 -27.91
CA GLN B 135 13.05 -6.18 -28.79
C GLN B 135 11.95 -6.74 -27.91
N ALA B 136 10.69 -6.40 -28.21
CA ALA B 136 9.55 -6.84 -27.39
C ALA B 136 8.59 -7.76 -28.14
N ASP B 137 8.75 -9.07 -27.98
CA ASP B 137 7.83 -10.07 -28.52
C ASP B 137 7.19 -10.90 -27.39
N ALA B 138 6.62 -10.22 -26.40
CA ALA B 138 5.98 -10.89 -25.24
C ALA B 138 6.95 -11.38 -24.16
N GLY B 139 6.55 -11.21 -22.91
CA GLY B 139 7.32 -11.69 -21.77
C GLY B 139 8.48 -10.83 -21.32
N SER B 140 8.55 -9.60 -21.82
CA SER B 140 9.70 -8.72 -21.57
C SER B 140 9.91 -8.35 -20.10
N ARG B 141 8.83 -8.22 -19.33
CA ARG B 141 9.00 -7.93 -17.91
C ARG B 141 9.83 -9.04 -17.26
N LEU B 142 9.59 -10.27 -17.70
CA LEU B 142 10.31 -11.42 -17.15
C LEU B 142 11.74 -11.43 -17.69
N VAL B 143 11.91 -11.19 -18.98
CA VAL B 143 13.25 -11.12 -19.57
C VAL B 143 14.06 -9.96 -18.97
N SER B 144 13.37 -8.86 -18.73
CA SER B 144 13.98 -7.74 -18.03
C SER B 144 14.39 -8.15 -16.61
N LEU B 145 13.49 -8.84 -15.91
CA LEU B 145 13.79 -9.32 -14.56
C LEU B 145 15.02 -10.20 -14.52
N MET B 146 15.12 -11.13 -15.46
CA MET B 146 16.19 -12.14 -15.46
C MET B 146 17.52 -11.50 -15.80
N ALA B 147 17.49 -10.59 -16.77
CA ALA B 147 18.66 -9.80 -17.08
C ALA B 147 19.12 -9.10 -15.81
N ALA B 148 18.18 -8.48 -15.10
CA ALA B 148 18.53 -7.72 -13.90
C ALA B 148 19.20 -8.65 -12.87
N SER B 149 18.59 -9.79 -12.68
CA SER B 149 19.10 -10.79 -11.76
C SER B 149 20.54 -11.17 -12.11
N LEU B 150 20.79 -11.40 -13.40
CA LEU B 150 22.11 -11.83 -13.86
C LEU B 150 23.09 -10.67 -13.72
N ALA B 151 22.63 -9.46 -14.01
CA ALA B 151 23.51 -8.30 -13.90
C ALA B 151 23.94 -8.12 -12.44
N LEU B 152 23.01 -8.30 -11.52
CA LEU B 152 23.38 -8.32 -10.10
C LEU B 152 24.41 -9.40 -9.78
N ALA B 153 24.20 -10.60 -10.31
CA ALA B 153 25.15 -11.67 -10.08
C ALA B 153 26.52 -11.26 -10.61
N ASP B 154 26.53 -10.74 -11.84
CA ASP B 154 27.76 -10.31 -12.53
C ASP B 154 28.46 -9.17 -11.79
N ALA B 155 27.68 -8.37 -11.07
CA ALA B 155 28.24 -7.26 -10.30
C ALA B 155 28.74 -7.70 -8.90
N GLY B 156 28.54 -8.96 -8.55
CA GLY B 156 29.01 -9.44 -7.26
C GLY B 156 28.19 -8.95 -6.10
N ILE B 157 27.01 -8.41 -6.38
CA ILE B 157 26.08 -8.09 -5.31
C ILE B 157 25.41 -9.39 -4.82
N PRO B 158 25.64 -9.75 -3.54
CA PRO B 158 25.18 -11.05 -3.03
C PRO B 158 23.67 -11.15 -3.14
N MET B 159 23.18 -12.36 -3.31
CA MET B 159 21.75 -12.59 -3.47
C MET B 159 21.42 -13.93 -2.86
N ARG B 160 20.14 -14.14 -2.52
CA ARG B 160 19.70 -15.46 -2.07
C ARG B 160 19.75 -16.51 -3.19
N ASP B 161 19.41 -16.09 -4.40
CA ASP B 161 19.23 -17.01 -5.50
C ASP B 161 19.09 -16.16 -6.74
N LEU B 162 19.09 -16.82 -7.89
CA LEU B 162 18.77 -16.17 -9.14
C LEU B 162 17.26 -16.15 -9.30
N ILE B 163 16.77 -15.31 -10.20
CA ILE B 163 15.37 -15.30 -10.51
C ILE B 163 15.13 -15.79 -11.93
N ALA B 164 14.28 -16.82 -12.05
CA ALA B 164 13.85 -17.37 -13.32
C ALA B 164 12.35 -17.09 -13.47
N GLY B 165 11.92 -16.81 -14.69
CA GLY B 165 10.53 -16.49 -14.92
C GLY B 165 10.08 -16.83 -16.31
N VAL B 166 8.78 -17.12 -16.45
CA VAL B 166 8.18 -17.47 -17.72
C VAL B 166 6.69 -17.15 -17.68
N ALA B 167 6.13 -16.76 -18.81
CA ALA B 167 4.68 -16.56 -18.88
C ALA B 167 4.01 -17.80 -19.44
N VAL B 168 2.93 -18.19 -18.77
CA VAL B 168 2.04 -19.23 -19.23
C VAL B 168 0.71 -18.60 -19.59
N GLY B 169 -0.06 -19.28 -20.44
CA GLY B 169 -1.37 -18.78 -20.82
C GLY B 169 -2.35 -19.83 -21.27
N LYS B 170 -3.48 -19.37 -21.78
CA LYS B 170 -4.39 -20.25 -22.47
C LYS B 170 -4.59 -19.63 -23.84
N ALA B 171 -4.52 -20.45 -24.88
CA ALA B 171 -4.87 -20.02 -26.22
C ALA B 171 -5.75 -21.07 -26.85
N ASP B 172 -6.88 -20.64 -27.38
CA ASP B 172 -7.88 -21.55 -27.94
C ASP B 172 -8.09 -22.73 -26.97
N GLY B 173 -8.11 -22.45 -25.68
CA GLY B 173 -8.43 -23.43 -24.68
C GLY B 173 -7.28 -24.34 -24.30
N VAL B 174 -6.10 -24.10 -24.86
CA VAL B 174 -4.95 -24.91 -24.51
C VAL B 174 -4.01 -24.10 -23.63
N ILE B 175 -3.60 -24.69 -22.53
CA ILE B 175 -2.60 -24.10 -21.64
C ILE B 175 -1.25 -24.17 -22.32
N ILE B 176 -0.54 -23.04 -22.40
CA ILE B 176 0.70 -22.98 -23.17
C ILE B 176 1.83 -22.29 -22.43
N LEU B 177 3.06 -22.62 -22.82
CA LEU B 177 4.27 -22.17 -22.13
C LEU B 177 5.11 -21.16 -22.91
N ASP B 178 5.40 -20.02 -22.27
CA ASP B 178 6.27 -19.00 -22.87
C ASP B 178 5.66 -18.44 -24.15
N LEU B 179 4.62 -17.63 -23.96
CA LEU B 179 3.88 -17.02 -25.07
C LEU B 179 4.70 -16.04 -25.95
N ASN B 180 4.53 -16.16 -27.26
CA ASN B 180 5.02 -15.14 -28.18
C ASN B 180 3.98 -14.03 -28.25
N GLU B 181 4.31 -12.94 -28.92
CA GLU B 181 3.45 -11.77 -28.89
C GLU B 181 2.03 -12.05 -29.40
N THR B 182 1.91 -12.85 -30.45
CA THR B 182 0.61 -13.18 -30.99
C THR B 182 -0.28 -13.85 -29.93
N GLU B 183 0.29 -14.79 -29.21
CA GLU B 183 -0.47 -15.47 -28.17
C GLU B 183 -0.92 -14.50 -27.07
N ALA B 184 -0.06 -13.56 -26.70
CA ALA B 184 -0.43 -12.54 -25.71
C ALA B 184 -1.60 -11.65 -26.16
N MET B 185 -1.56 -11.19 -27.40
CA MET B 185 -2.56 -10.25 -27.91
CA MET B 185 -2.55 -10.25 -27.89
C MET B 185 -3.90 -10.91 -28.12
N TRP B 186 -3.88 -12.13 -28.64
CA TRP B 186 -5.11 -12.80 -29.06
C TRP B 186 -5.56 -13.95 -28.17
N GLY B 187 -4.74 -14.30 -27.18
CA GLY B 187 -5.05 -15.39 -26.27
C GLY B 187 -6.04 -15.04 -25.17
N GLU B 188 -6.47 -16.05 -24.42
CA GLU B 188 -7.49 -15.88 -23.37
C GLU B 188 -6.92 -15.45 -22.00
N ALA B 189 -5.68 -15.80 -21.74
CA ALA B 189 -5.08 -15.50 -20.46
C ALA B 189 -3.58 -15.49 -20.64
N ASP B 190 -2.88 -14.77 -19.79
CA ASP B 190 -1.44 -14.52 -19.96
C ASP B 190 -0.92 -14.25 -18.58
N MET B 191 -0.08 -15.15 -18.07
CA MET B 191 0.23 -15.18 -16.64
C MET B 191 1.72 -15.31 -16.38
N PRO B 192 2.43 -14.19 -16.26
CA PRO B 192 3.87 -14.20 -15.96
C PRO B 192 4.18 -14.60 -14.51
N ILE B 193 5.16 -15.49 -14.36
CA ILE B 193 5.50 -15.97 -13.04
C ILE B 193 7.00 -16.02 -12.89
N ALA B 194 7.50 -15.51 -11.78
CA ALA B 194 8.93 -15.58 -11.52
C ALA B 194 9.23 -16.12 -10.13
N MET B 195 10.28 -16.92 -10.01
CA MET B 195 10.71 -17.49 -8.74
C MET B 195 12.21 -17.48 -8.53
N MET B 196 12.56 -17.65 -7.26
CA MET B 196 13.87 -18.08 -6.83
C MET B 196 13.70 -19.60 -6.70
N PRO B 197 14.04 -20.35 -7.75
CA PRO B 197 13.64 -21.76 -7.79
C PRO B 197 14.22 -22.64 -6.66
N SER B 198 15.50 -22.52 -6.35
CA SER B 198 16.09 -23.29 -5.24
C SER B 198 15.37 -23.11 -3.91
N LEU B 199 14.75 -21.95 -3.70
CA LEU B 199 14.04 -21.68 -2.45
C LEU B 199 12.53 -21.86 -2.56
N ASN B 200 12.05 -22.20 -3.75
CA ASN B 200 10.64 -22.43 -3.96
C ASN B 200 9.79 -21.18 -3.71
N GLN B 201 10.38 -19.99 -3.90
CA GLN B 201 9.68 -18.75 -3.59
C GLN B 201 9.27 -17.95 -4.84
N VAL B 202 8.02 -17.55 -4.91
CA VAL B 202 7.57 -16.75 -6.04
C VAL B 202 7.89 -15.29 -5.79
N THR B 203 8.50 -14.62 -6.78
CA THR B 203 8.81 -13.18 -6.63
C THR B 203 7.92 -12.27 -7.48
N LEU B 204 7.45 -12.77 -8.62
CA LEU B 204 6.57 -12.01 -9.50
C LEU B 204 5.40 -12.89 -9.92
N PHE B 205 4.18 -12.36 -9.79
CA PHE B 205 2.97 -13.12 -10.09
C PHE B 205 1.80 -12.26 -10.58
N GLN B 206 1.45 -12.39 -11.84
CA GLN B 206 0.32 -11.64 -12.33
C GLN B 206 -0.45 -12.43 -13.35
N LEU B 207 -1.72 -12.11 -13.50
CA LEU B 207 -2.49 -12.72 -14.52
C LEU B 207 -3.31 -11.63 -15.14
N ASN B 208 -3.36 -11.59 -16.46
CA ASN B 208 -4.39 -10.84 -17.15
C ASN B 208 -5.11 -11.77 -18.11
N GLY B 209 -6.40 -11.54 -18.32
CA GLY B 209 -7.18 -12.46 -19.12
C GLY B 209 -8.05 -13.20 -18.13
N SER B 210 -8.41 -14.44 -18.46
CA SER B 210 -9.23 -15.23 -17.56
CA SER B 210 -9.19 -15.23 -17.53
C SER B 210 -8.96 -16.73 -17.63
N MET B 211 -9.15 -17.39 -16.50
CA MET B 211 -8.97 -18.82 -16.35
C MET B 211 -9.91 -19.31 -15.26
N THR B 212 -10.37 -20.55 -15.38
CA THR B 212 -11.00 -21.19 -14.25
C THR B 212 -9.94 -21.41 -13.16
N PRO B 213 -10.36 -21.64 -11.91
CA PRO B 213 -9.34 -21.99 -10.92
C PRO B 213 -8.51 -23.23 -11.29
N ASP B 214 -9.10 -24.21 -11.98
CA ASP B 214 -8.35 -25.38 -12.41
C ASP B 214 -7.34 -25.10 -13.48
N GLU B 215 -7.75 -24.35 -14.49
CA GLU B 215 -6.81 -23.92 -15.51
C GLU B 215 -5.63 -23.19 -14.84
N PHE B 216 -5.93 -22.46 -13.78
CA PHE B 216 -4.91 -21.64 -13.15
C PHE B 216 -3.87 -22.56 -12.56
N ARG B 217 -4.33 -23.68 -12.01
CA ARG B 217 -3.44 -24.63 -11.36
C ARG B 217 -2.61 -25.47 -12.35
N GLN B 218 -3.22 -25.89 -13.45
CA GLN B 218 -2.46 -26.49 -14.52
C GLN B 218 -1.43 -25.53 -15.07
N ALA B 219 -1.87 -24.32 -15.38
CA ALA B 219 -0.97 -23.34 -15.98
C ALA B 219 0.21 -23.09 -15.07
N PHE B 220 -0.07 -22.98 -13.77
CA PHE B 220 0.96 -22.69 -12.77
CA PHE B 220 1.01 -22.66 -12.85
C PHE B 220 1.97 -23.84 -12.67
N ASP B 221 1.49 -25.07 -12.81
CA ASP B 221 2.38 -26.25 -12.72
C ASP B 221 3.31 -26.35 -13.94
N LEU B 222 2.80 -25.91 -15.08
CA LEU B 222 3.58 -25.91 -16.30
C LEU B 222 4.65 -24.83 -16.22
N ALA B 223 4.31 -23.72 -15.59
CA ALA B 223 5.24 -22.61 -15.44
C ALA B 223 6.50 -23.00 -14.64
N VAL B 224 6.31 -23.77 -13.57
CA VAL B 224 7.42 -24.20 -12.72
C VAL B 224 8.43 -25.08 -13.48
N LYS B 225 7.91 -26.06 -14.20
CA LYS B 225 8.71 -26.91 -15.07
C LYS B 225 9.52 -26.13 -16.11
N GLY B 226 8.96 -25.04 -16.64
CA GLY B 226 9.64 -24.23 -17.62
C GLY B 226 10.70 -23.39 -16.95
N ILE B 227 10.37 -22.91 -15.75
CA ILE B 227 11.29 -22.12 -14.97
C ILE B 227 12.52 -22.92 -14.55
N ASN B 228 12.36 -24.20 -14.26
CA ASN B 228 13.54 -25.00 -13.92
C ASN B 228 14.52 -25.14 -15.07
N ILE B 229 14.01 -25.22 -16.28
CA ILE B 229 14.88 -25.28 -17.46
C ILE B 229 15.64 -23.97 -17.63
N ILE B 230 14.92 -22.86 -17.57
CA ILE B 230 15.53 -21.55 -17.64
C ILE B 230 16.59 -21.33 -16.54
N TYR B 231 16.25 -21.73 -15.32
CA TYR B 231 17.16 -21.62 -14.17
C TYR B 231 18.50 -22.31 -14.41
N ASN B 232 18.46 -23.55 -14.89
CA ASN B 232 19.67 -24.27 -15.23
C ASN B 232 20.54 -23.48 -16.19
N LEU B 233 19.89 -22.88 -17.18
CA LEU B 233 20.56 -22.03 -18.16
C LEU B 233 21.24 -20.82 -17.53
N GLU B 234 20.52 -20.09 -16.69
CA GLU B 234 21.09 -18.94 -16.00
C GLU B 234 22.34 -19.38 -15.24
N ARG B 235 22.29 -20.60 -14.70
CA ARG B 235 23.35 -21.11 -13.86
C ARG B 235 24.60 -21.46 -14.70
N GLU B 236 24.37 -22.02 -15.88
CA GLU B 236 25.48 -22.38 -16.76
C GLU B 236 26.09 -21.10 -17.34
N ALA B 237 25.23 -20.27 -17.91
CA ALA B 237 25.62 -18.96 -18.43
C ALA B 237 26.63 -18.30 -17.51
N LEU B 238 26.25 -18.12 -16.26
CA LEU B 238 27.14 -17.57 -15.23
C LEU B 238 28.44 -18.34 -15.06
N LYS B 239 28.38 -19.67 -15.04
CA LYS B 239 29.57 -20.50 -14.84
C LYS B 239 30.46 -20.61 -16.09
N SER B 240 29.92 -20.22 -17.24
CA SER B 240 30.55 -20.48 -18.53
C SER B 240 31.99 -20.01 -18.67
N LYS B 241 32.23 -18.74 -18.39
CA LYS B 241 33.56 -18.16 -18.64
C LYS B 241 34.67 -18.78 -17.78
N TYR B 242 34.26 -19.28 -16.62
CA TYR B 242 35.17 -19.85 -15.65
C TYR B 242 35.39 -21.34 -15.92
N VAL B 243 34.56 -21.90 -16.79
CA VAL B 243 34.60 -23.31 -17.09
C VAL B 243 34.77 -23.54 -18.60
N SER C 8 -13.86 48.17 33.72
CA SER C 8 -14.82 47.10 33.93
C SER C 8 -14.23 45.72 33.62
N GLN C 9 -14.38 44.79 34.57
CA GLN C 9 -13.80 43.45 34.47
C GLN C 9 -14.89 42.37 34.63
N GLU C 10 -15.04 41.51 33.62
CA GLU C 10 -16.13 40.51 33.62
C GLU C 10 -15.85 39.27 32.78
N ILE C 11 -16.30 38.12 33.27
CA ILE C 11 -16.30 36.89 32.50
C ILE C 11 -17.64 36.74 31.82
N VAL C 12 -17.60 36.33 30.55
CA VAL C 12 -18.81 36.37 29.72
C VAL C 12 -19.54 35.04 29.66
N LEU C 13 -18.79 33.95 29.71
CA LEU C 13 -19.36 32.64 29.50
C LEU C 13 -19.63 31.93 30.82
N GLN C 14 -20.73 31.19 30.89
CA GLN C 14 -20.93 30.26 32.00
C GLN C 14 -19.73 29.34 31.96
N PRO C 15 -19.18 29.03 33.15
CA PRO C 15 -18.04 28.11 33.20
C PRO C 15 -18.43 26.73 32.70
N ARG C 16 -17.45 26.00 32.18
CA ARG C 16 -17.70 24.66 31.70
C ARG C 16 -18.40 24.70 30.35
N SER C 17 -18.51 25.88 29.76
CA SER C 17 -19.14 26.03 28.44
C SER C 17 -18.32 25.36 27.34
N ILE C 18 -19.00 25.03 26.25
CA ILE C 18 -18.33 24.58 25.04
C ILE C 18 -17.92 25.78 24.20
N VAL C 19 -16.61 25.97 24.12
CA VAL C 19 -16.02 27.13 23.51
C VAL C 19 -15.42 26.77 22.14
N VAL C 20 -15.16 27.79 21.32
CA VAL C 20 -14.84 27.59 19.91
C VAL C 20 -13.88 28.69 19.40
N PRO C 21 -13.11 28.40 18.34
CA PRO C 21 -12.17 29.45 17.94
C PRO C 21 -12.93 30.72 17.56
N GLY C 22 -12.45 31.86 18.03
CA GLY C 22 -13.12 33.13 17.80
C GLY C 22 -14.10 33.53 18.88
N GLU C 23 -14.33 32.66 19.86
CA GLU C 23 -15.37 32.90 20.86
C GLU C 23 -14.87 33.76 22.04
N LEU C 24 -15.58 34.85 22.27
CA LEU C 24 -15.28 35.76 23.39
C LEU C 24 -15.54 35.11 24.76
N LEU C 25 -14.50 35.10 25.58
CA LEU C 25 -14.53 34.51 26.93
C LEU C 25 -14.75 35.56 28.02
N ALA C 26 -14.05 36.69 27.91
CA ALA C 26 -14.11 37.74 28.93
C ALA C 26 -13.60 39.09 28.42
N GLU C 27 -14.04 40.16 29.06
CA GLU C 27 -13.59 41.49 28.70
C GLU C 27 -12.86 42.17 29.85
N GLY C 28 -11.84 42.96 29.53
CA GLY C 28 -11.15 43.76 30.52
C GLY C 28 -9.69 43.39 30.77
N GLU C 29 -9.17 43.89 31.89
CA GLU C 29 -7.78 43.65 32.23
C GLU C 29 -7.68 42.59 33.31
N PHE C 30 -7.25 41.40 32.90
CA PHE C 30 -6.94 40.34 33.83
C PHE C 30 -5.43 40.17 33.88
N GLN C 31 -4.96 39.25 34.70
CA GLN C 31 -3.54 38.95 34.75
C GLN C 31 -3.30 37.47 34.51
N ILE C 32 -3.62 37.03 33.30
CA ILE C 32 -3.60 35.62 32.96
C ILE C 32 -2.31 35.17 32.29
N PRO C 33 -1.71 34.09 32.81
CA PRO C 33 -0.53 33.53 32.14
C PRO C 33 -0.84 33.30 30.67
N TRP C 34 0.00 33.85 29.79
CA TRP C 34 -0.17 33.62 28.37
C TRP C 34 -0.47 32.15 28.17
N SER C 35 -1.35 31.85 27.21
CA SER C 35 -1.75 30.49 26.90
C SER C 35 -2.09 30.41 25.42
N PRO C 36 -1.69 29.32 24.76
CA PRO C 36 -1.96 29.15 23.33
C PRO C 36 -3.44 29.01 22.99
N TYR C 37 -4.29 28.82 24.00
CA TYR C 37 -5.71 28.54 23.75
C TYR C 37 -6.56 29.75 23.94
N ILE C 38 -5.97 30.79 24.50
CA ILE C 38 -6.65 32.04 24.71
C ILE C 38 -5.90 33.10 23.94
N LEU C 39 -6.64 33.97 23.26
CA LEU C 39 -6.06 35.13 22.60
C LEU C 39 -6.61 36.41 23.21
N LYS C 40 -5.71 37.27 23.69
CA LYS C 40 -6.08 38.55 24.26
C LYS C 40 -5.86 39.68 23.25
N ILE C 41 -6.94 40.22 22.71
CA ILE C 41 -6.84 41.33 21.77
C ILE C 41 -7.23 42.66 22.40
N ASN C 42 -6.25 43.38 22.94
CA ASN C 42 -6.51 44.55 23.77
C ASN C 42 -7.24 44.16 25.06
N SER C 43 -8.50 44.51 25.20
CA SER C 43 -9.23 44.14 26.42
C SER C 43 -10.23 42.98 26.26
N LYS C 44 -10.23 42.34 25.09
CA LYS C 44 -11.05 41.15 24.91
C LYS C 44 -10.18 39.89 24.94
N TYR C 45 -10.78 38.78 25.34
CA TYR C 45 -10.09 37.48 25.38
C TYR C 45 -10.91 36.43 24.65
N TYR C 46 -10.35 35.89 23.56
CA TYR C 46 -11.06 34.87 22.81
C TYR C 46 -10.39 33.48 22.87
N SER C 47 -11.21 32.44 22.72
CA SER C 47 -10.72 31.09 22.53
C SER C 47 -10.12 30.89 21.13
N THR C 48 -9.05 30.11 21.05
CA THR C 48 -8.38 29.85 19.78
C THR C 48 -8.73 28.47 19.24
N VAL C 49 -9.43 27.68 20.04
CA VAL C 49 -9.67 26.28 19.72
C VAL C 49 -11.07 25.82 20.09
N VAL C 50 -11.46 24.66 19.57
CA VAL C 50 -12.62 23.96 20.10
C VAL C 50 -12.24 23.42 21.46
N GLY C 51 -12.87 23.96 22.51
CA GLY C 51 -12.48 23.62 23.86
C GLY C 51 -13.53 23.87 24.92
N LEU C 52 -13.10 23.77 26.18
CA LEU C 52 -13.98 23.94 27.31
C LEU C 52 -13.53 25.08 28.20
N PHE C 53 -14.42 26.05 28.38
CA PHE C 53 -14.10 27.17 29.23
C PHE C 53 -13.99 26.77 30.69
N ASP C 54 -13.10 27.43 31.41
CA ASP C 54 -12.85 27.09 32.78
C ASP C 54 -12.39 28.31 33.57
N VAL C 55 -12.69 28.34 34.87
CA VAL C 55 -12.28 29.45 35.72
C VAL C 55 -11.68 29.00 37.06
N LYS C 56 -10.37 28.81 37.08
CA LYS C 56 -9.66 28.55 38.32
C LYS C 56 -9.62 29.81 39.19
N ASP C 57 -10.37 29.79 40.28
CA ASP C 57 -10.40 30.92 41.20
CA ASP C 57 -10.41 30.93 41.20
C ASP C 57 -10.81 32.22 40.51
N THR C 58 -9.82 33.03 40.11
CA THR C 58 -10.08 34.32 39.48
C THR C 58 -9.47 34.40 38.09
N GLN C 59 -8.77 33.33 37.71
CA GLN C 59 -8.17 33.26 36.39
C GLN C 59 -8.98 32.29 35.54
N PHE C 60 -8.99 32.51 34.23
CA PHE C 60 -9.69 31.61 33.33
C PHE C 60 -8.74 30.85 32.39
N GLU C 61 -9.24 29.79 31.76
CA GLU C 61 -8.45 29.03 30.81
C GLU C 61 -9.35 28.25 29.88
N VAL C 62 -8.85 27.94 28.69
CA VAL C 62 -9.61 27.11 27.77
C VAL C 62 -8.94 25.75 27.69
N ILE C 63 -9.70 24.69 27.98
CA ILE C 63 -9.21 23.31 27.91
C ILE C 63 -9.48 22.73 26.54
N PRO C 64 -8.41 22.45 25.76
CA PRO C 64 -8.66 22.02 24.38
C PRO C 64 -9.33 20.64 24.32
N LEU C 65 -10.27 20.46 23.39
CA LEU C 65 -10.93 19.18 23.18
C LEU C 65 -10.39 18.41 21.96
N GLU C 66 -9.44 19.02 21.26
CA GLU C 66 -8.93 18.48 20.00
C GLU C 66 -7.41 18.52 19.99
N GLY C 67 -6.81 17.76 19.09
CA GLY C 67 -5.36 17.79 18.94
C GLY C 67 -4.64 16.46 19.11
N SER C 68 -3.97 16.04 18.06
CA SER C 68 -3.23 14.78 18.04
C SER C 68 -1.81 14.99 18.54
N PHE C 69 -1.42 16.23 18.79
CA PHE C 69 -0.02 16.54 19.02
C PHE C 69 0.31 16.90 20.46
N TYR C 70 1.49 16.46 20.89
CA TYR C 70 2.05 16.81 22.21
C TYR C 70 2.96 18.04 22.07
N TYR C 71 2.99 18.92 23.06
CA TYR C 71 3.99 20.01 23.04
C TYR C 71 5.08 19.84 24.09
N PRO C 72 6.34 19.73 23.63
CA PRO C 72 7.48 19.46 24.51
C PRO C 72 7.59 20.46 25.65
N LYS C 73 7.73 19.93 26.86
CA LYS C 73 7.91 20.77 28.02
C LYS C 73 9.12 20.21 28.75
N ILE C 74 10.08 21.08 29.06
CA ILE C 74 11.25 20.61 29.75
C ILE C 74 10.83 19.80 30.96
N ASN C 75 11.42 18.61 31.10
CA ASN C 75 11.22 17.75 32.28
C ASN C 75 9.99 16.87 32.25
N ASP C 76 9.25 16.91 31.14
CA ASP C 76 8.15 15.98 30.95
C ASP C 76 8.69 14.56 30.77
N ILE C 77 7.87 13.59 31.16
CA ILE C 77 8.23 12.20 30.94
C ILE C 77 7.39 11.71 29.79
N VAL C 78 8.05 11.15 28.79
CA VAL C 78 7.38 10.69 27.59
C VAL C 78 7.87 9.31 27.22
N ILE C 79 7.10 8.66 26.36
CA ILE C 79 7.49 7.39 25.81
C ILE C 79 7.69 7.64 24.32
N GLY C 80 8.89 7.40 23.83
CA GLY C 80 9.19 7.68 22.43
C GLY C 80 9.35 6.44 21.59
N LEU C 81 9.40 6.64 20.28
CA LEU C 81 9.60 5.55 19.35
C LEU C 81 10.83 5.87 18.53
N VAL C 82 11.86 5.02 18.64
CA VAL C 82 13.06 5.27 17.88
C VAL C 82 12.80 5.18 16.36
N GLU C 83 13.04 6.27 15.65
CA GLU C 83 12.76 6.31 14.22
C GLU C 83 14.03 6.41 13.38
N ASP C 84 15.17 6.60 14.03
CA ASP C 84 16.42 6.68 13.27
C ASP C 84 17.63 6.52 14.18
N VAL C 85 18.77 6.18 13.57
CA VAL C 85 20.04 6.07 14.29
C VAL C 85 21.10 6.98 13.67
N GLU C 86 21.51 8.01 14.41
CA GLU C 86 22.56 8.92 13.95
C GLU C 86 23.92 8.47 14.47
N ILE C 87 24.96 9.20 14.11
CA ILE C 87 26.33 8.79 14.42
C ILE C 87 26.65 8.87 15.92
N TYR C 88 26.02 9.81 16.62
CA TYR C 88 26.22 9.94 18.06
C TYR C 88 24.90 9.90 18.82
N GLY C 89 23.82 9.48 18.16
CA GLY C 89 22.55 9.37 18.86
C GLY C 89 21.37 8.82 18.08
N TRP C 90 20.20 8.85 18.72
CA TRP C 90 18.97 8.33 18.15
C TRP C 90 17.98 9.44 17.93
N VAL C 91 17.19 9.31 16.86
CA VAL C 91 16.09 10.21 16.60
C VAL C 91 14.82 9.58 17.13
N VAL C 92 14.06 10.33 17.91
CA VAL C 92 12.95 9.72 18.62
C VAL C 92 11.62 10.45 18.39
N ASP C 93 10.58 9.69 18.12
CA ASP C 93 9.26 10.26 17.89
C ASP C 93 8.47 10.31 19.18
N ILE C 94 8.33 11.51 19.71
CA ILE C 94 7.57 11.70 20.93
C ILE C 94 6.26 12.37 20.57
N LYS C 95 5.74 12.08 19.39
CA LYS C 95 4.38 12.44 19.00
C LYS C 95 4.12 13.97 18.99
N ALA C 96 5.19 14.77 18.88
CA ALA C 96 5.06 16.23 18.80
C ALA C 96 5.28 16.74 17.37
N PRO C 97 5.25 18.08 17.17
CA PRO C 97 5.58 18.62 15.84
C PRO C 97 7.05 18.40 15.52
N TYR C 98 7.87 18.38 16.57
CA TYR C 98 9.30 18.22 16.42
C TYR C 98 9.72 16.84 16.88
N LYS C 99 10.75 16.29 16.24
CA LYS C 99 11.33 15.03 16.67
C LYS C 99 12.33 15.28 17.81
N ALA C 100 12.48 14.28 18.67
CA ALA C 100 13.34 14.37 19.84
C ALA C 100 14.67 13.66 19.59
N TYR C 101 15.70 14.08 20.31
CA TYR C 101 17.03 13.49 20.14
C TYR C 101 17.47 12.79 21.41
N LEU C 102 18.22 11.70 21.26
CA LEU C 102 18.79 11.02 22.42
C LEU C 102 20.30 10.78 22.23
N PRO C 103 21.12 11.63 22.86
CA PRO C 103 22.59 11.52 22.81
C PRO C 103 23.08 10.17 23.33
N ALA C 104 23.98 9.54 22.57
CA ALA C 104 24.50 8.24 22.96
C ALA C 104 25.27 8.38 24.26
N SER C 105 25.87 9.56 24.46
CA SER C 105 26.64 9.83 25.66
C SER C 105 25.75 9.82 26.91
N ASN C 106 24.51 10.25 26.75
CA ASN C 106 23.54 10.26 27.85
C ASN C 106 23.13 8.85 28.28
N LEU C 107 22.90 7.99 27.28
CA LEU C 107 22.47 6.62 27.49
C LEU C 107 23.65 5.76 27.99
N LEU C 108 24.84 6.11 27.52
CA LEU C 108 26.05 5.34 27.78
C LEU C 108 26.79 5.86 29.00
N GLY C 109 26.50 7.09 29.39
CA GLY C 109 27.21 7.72 30.49
C GLY C 109 28.69 7.83 30.21
N ARG C 110 29.03 7.90 28.93
CA ARG C 110 30.42 7.95 28.48
C ARG C 110 30.44 8.16 26.96
N SER C 111 31.63 8.42 26.42
CA SER C 111 31.80 8.62 24.99
C SER C 111 31.56 7.33 24.21
N ILE C 112 31.30 7.45 22.91
CA ILE C 112 31.11 6.28 22.06
C ILE C 112 32.47 5.70 21.61
N ASN C 113 32.64 4.40 21.84
CA ASN C 113 33.90 3.71 21.52
C ASN C 113 34.05 3.38 20.04
N VAL C 114 35.30 3.26 19.60
CA VAL C 114 35.60 2.95 18.21
C VAL C 114 34.96 1.65 17.75
N GLY C 115 34.10 1.76 16.74
CA GLY C 115 33.47 0.60 16.14
C GLY C 115 32.20 0.13 16.82
N GLU C 116 31.59 1.00 17.62
CA GLU C 116 30.47 0.62 18.47
C GLU C 116 29.09 0.83 17.85
N ASP C 117 28.17 -0.10 18.12
CA ASP C 117 26.80 -0.03 17.58
C ASP C 117 25.76 -0.59 18.55
N TYR C 121 21.53 -1.21 21.25
CA TYR C 121 20.90 -0.68 22.47
C TYR C 121 19.48 -0.23 22.20
N LEU C 122 19.34 0.74 21.32
CA LEU C 122 18.02 1.09 20.82
C LEU C 122 18.11 1.12 19.32
N ASP C 123 17.13 0.56 18.63
CA ASP C 123 17.00 0.78 17.19
C ASP C 123 15.55 0.99 16.76
N VAL C 124 15.35 1.26 15.47
CA VAL C 124 14.03 1.57 14.94
C VAL C 124 12.95 0.59 15.40
N GLY C 125 11.88 1.12 15.97
CA GLY C 125 10.76 0.29 16.38
C GLY C 125 10.79 0.06 17.88
N ASP C 126 11.90 0.47 18.50
CA ASP C 126 12.01 0.47 19.95
C ASP C 126 11.27 1.64 20.57
N TYR C 127 10.66 1.35 21.72
CA TYR C 127 10.02 2.34 22.56
C TYR C 127 10.98 2.68 23.69
N VAL C 128 11.00 3.95 24.09
CA VAL C 128 11.93 4.39 25.12
C VAL C 128 11.25 5.38 26.05
N ILE C 129 11.09 5.01 27.32
CA ILE C 129 10.61 6.00 28.28
C ILE C 129 11.74 6.95 28.64
N ALA C 130 11.51 8.23 28.43
CA ALA C 130 12.53 9.24 28.66
C ALA C 130 11.97 10.58 29.17
N ARG C 131 12.87 11.44 29.63
CA ARG C 131 12.53 12.79 30.07
C ARG C 131 13.13 13.81 29.11
N ILE C 132 12.54 14.98 29.07
CA ILE C 132 13.04 15.99 28.18
C ILE C 132 14.05 16.85 28.90
N GLU C 133 15.32 16.62 28.62
CA GLU C 133 16.40 17.40 29.23
C GLU C 133 16.50 18.80 28.65
N ASN C 134 16.15 18.95 27.37
CA ASN C 134 16.23 20.28 26.77
C ASN C 134 15.17 20.57 25.72
N PHE C 135 14.69 21.82 25.72
CA PHE C 135 13.74 22.28 24.71
C PHE C 135 13.39 23.75 24.85
N ASP C 136 13.27 24.44 23.72
CA ASP C 136 12.73 25.80 23.66
C ASP C 136 12.39 26.18 22.21
N ARG C 137 11.62 27.26 22.07
CA ARG C 137 11.10 27.70 20.78
CA ARG C 137 11.11 27.72 20.79
C ARG C 137 12.12 27.60 19.65
N SER C 138 13.40 27.54 19.99
CA SER C 138 14.44 27.55 18.97
C SER C 138 15.20 26.24 18.74
N ILE C 139 14.82 25.17 19.43
CA ILE C 139 15.50 23.89 19.25
C ILE C 139 14.55 22.69 19.33
N ASP C 140 14.96 21.56 18.77
CA ASP C 140 14.20 20.33 18.96
C ASP C 140 14.49 19.75 20.34
N PRO C 141 13.52 18.98 20.87
CA PRO C 141 13.61 18.40 22.21
C PRO C 141 14.75 17.39 22.29
N VAL C 142 15.59 17.54 23.31
CA VAL C 142 16.61 16.55 23.59
C VAL C 142 16.14 15.71 24.77
N LEU C 143 16.31 14.40 24.64
CA LEU C 143 15.85 13.47 25.66
C LEU C 143 16.98 13.01 26.55
N SER C 144 16.62 12.52 27.72
CA SER C 144 17.57 11.98 28.67
C SER C 144 16.99 10.68 29.21
N VAL C 145 17.83 9.65 29.33
CA VAL C 145 17.37 8.39 29.91
C VAL C 145 18.04 8.15 31.25
N LYS C 146 18.89 9.08 31.67
CA LYS C 146 19.56 8.99 32.96
C LYS C 146 18.55 9.30 34.06
N GLY C 147 17.62 8.39 34.28
CA GLY C 147 16.66 8.48 35.36
C GLY C 147 16.19 7.09 35.73
N LYS C 148 15.53 6.94 36.88
CA LYS C 148 15.04 5.63 37.28
C LYS C 148 13.91 5.18 36.36
N ASP C 149 13.96 3.93 35.92
CA ASP C 149 12.86 3.38 35.12
C ASP C 149 12.77 3.95 33.71
N LEU C 150 13.70 4.84 33.36
CA LEU C 150 13.79 5.37 32.01
C LEU C 150 14.58 4.42 31.12
N GLY C 151 14.53 4.64 29.82
CA GLY C 151 15.30 3.83 28.89
C GLY C 151 14.43 2.93 28.07
N ARG C 152 15.04 1.87 27.52
CA ARG C 152 14.37 0.96 26.60
C ARG C 152 13.12 0.30 27.21
N VAL C 153 12.12 0.05 26.37
CA VAL C 153 10.90 -0.60 26.84
C VAL C 153 10.84 -2.02 26.34
N SER C 154 10.94 -2.98 27.26
CA SER C 154 11.03 -4.39 26.91
C SER C 154 9.65 -5.04 26.88
N ASN C 155 9.05 -5.20 28.06
CA ASN C 155 7.77 -5.85 28.17
C ASN C 155 6.60 -4.92 27.90
N GLY C 156 5.40 -5.43 28.08
CA GLY C 156 4.19 -4.63 28.07
C GLY C 156 3.71 -4.19 26.70
N ILE C 157 2.71 -3.31 26.71
CA ILE C 157 2.17 -2.72 25.50
C ILE C 157 2.17 -1.20 25.57
N VAL C 158 1.81 -0.57 24.47
CA VAL C 158 1.72 0.87 24.44
C VAL C 158 0.46 1.27 23.69
N ILE C 159 -0.36 2.08 24.35
CA ILE C 159 -1.60 2.60 23.75
C ILE C 159 -1.40 4.07 23.42
N ASP C 160 -1.86 4.48 22.25
CA ASP C 160 -1.73 5.87 21.88
C ASP C 160 -3.07 6.53 22.11
N ILE C 161 -3.05 7.78 22.56
CA ILE C 161 -4.27 8.56 22.74
C ILE C 161 -3.96 10.03 22.50
N MET C 162 -5.00 10.85 22.33
CA MET C 162 -4.82 12.28 22.18
C MET C 162 -4.11 12.88 23.40
N PRO C 163 -2.95 13.50 23.20
CA PRO C 163 -2.23 14.16 24.30
C PRO C 163 -3.15 15.05 25.11
N VAL C 164 -4.11 15.70 24.45
CA VAL C 164 -5.04 16.59 25.15
C VAL C 164 -5.98 15.84 26.09
N LYS C 165 -5.89 14.51 26.10
CA LYS C 165 -6.82 13.73 26.86
C LYS C 165 -6.17 13.16 28.13
N VAL C 166 -4.86 13.37 28.28
CA VAL C 166 -4.08 12.75 29.35
C VAL C 166 -4.55 13.11 30.77
N PRO C 167 -4.91 14.38 30.99
CA PRO C 167 -5.33 14.80 32.32
C PRO C 167 -6.71 14.22 32.68
N ARG C 168 -7.46 13.78 31.67
CA ARG C 168 -8.78 13.19 31.88
C ARG C 168 -8.67 11.72 32.23
N VAL C 169 -7.53 11.13 31.91
CA VAL C 169 -7.26 9.75 32.29
C VAL C 169 -6.60 9.73 33.68
N ILE C 170 -6.43 10.92 34.22
CA ILE C 170 -5.70 11.14 35.47
C ILE C 170 -6.62 11.61 36.58
N GLY C 171 -7.07 12.87 36.49
CA GLY C 171 -8.00 13.44 37.46
C GLY C 171 -7.35 13.92 38.74
N ASN C 173 -8.02 13.69 39.87
CA ASN C 173 -7.35 13.74 41.16
C ASN C 173 -6.62 12.41 41.42
N LYS C 174 -5.91 11.93 40.40
CA LYS C 174 -5.35 10.58 40.37
C LYS C 174 -6.46 9.52 40.31
N SER C 175 -7.69 9.98 40.46
CA SER C 175 -8.88 9.12 40.40
C SER C 175 -8.85 8.14 39.24
N MET C 176 -8.99 8.66 38.02
CA MET C 176 -9.12 7.83 36.82
C MET C 176 -8.06 6.73 36.70
N TYR C 177 -6.82 7.08 37.04
CA TYR C 177 -5.72 6.12 37.05
C TYR C 177 -6.06 4.93 37.96
N GLU C 178 -6.39 5.21 39.22
CA GLU C 178 -6.75 4.14 40.17
C GLU C 178 -7.79 3.18 39.60
N THR C 179 -8.93 3.73 39.17
CA THR C 179 -9.98 2.95 38.51
C THR C 179 -9.38 1.96 37.52
N LEU C 180 -8.61 2.49 36.58
CA LEU C 180 -8.09 1.68 35.48
C LEU C 180 -7.31 0.46 35.94
N THR C 181 -6.35 0.65 36.83
CA THR C 181 -5.48 -0.44 37.26
C THR C 181 -6.22 -1.54 38.05
N SER C 182 -7.55 -1.58 37.95
CA SER C 182 -8.35 -2.59 38.64
C SER C 182 -9.36 -3.27 37.71
N CYS C 186 -4.04 -4.89 36.34
CA CYS C 186 -3.51 -3.99 35.31
C CYS C 186 -2.54 -2.93 35.86
N SER C 187 -1.37 -2.85 35.24
CA SER C 187 -0.31 -1.97 35.73
C SER C 187 0.15 -1.01 34.63
N ILE C 188 -0.41 0.20 34.64
CA ILE C 188 -0.19 1.15 33.53
C ILE C 188 0.70 2.32 33.90
N PHE C 189 1.29 2.94 32.88
CA PHE C 189 1.99 4.20 33.08
C PHE C 189 1.60 5.22 32.01
N VAL C 190 1.23 6.41 32.46
CA VAL C 190 0.69 7.43 31.56
C VAL C 190 1.64 8.59 31.29
N ALA C 191 2.39 8.52 30.19
CA ALA C 191 3.30 9.60 29.84
C ALA C 191 2.53 10.85 29.41
N ASN C 192 3.16 12.01 29.54
CA ASN C 192 2.55 13.25 29.10
C ASN C 192 2.44 13.20 27.60
N ASN C 193 3.43 12.53 27.02
CA ASN C 193 3.50 12.25 25.61
C ASN C 193 2.14 12.06 24.94
N GLY C 194 1.15 11.65 25.71
CA GLY C 194 -0.09 11.17 25.14
C GLY C 194 0.03 9.69 24.76
N ARG C 195 0.96 8.97 25.40
CA ARG C 195 1.08 7.52 25.22
C ARG C 195 1.13 6.84 26.59
N ILE C 196 0.65 5.60 26.66
CA ILE C 196 0.50 4.89 27.93
C ILE C 196 1.11 3.50 27.91
N TRP C 197 2.12 3.25 28.76
CA TRP C 197 2.70 1.92 28.87
C TRP C 197 1.85 1.03 29.76
N ALA C 198 1.70 -0.24 29.37
CA ALA C 198 0.93 -1.18 30.19
C ALA C 198 1.44 -2.62 30.15
N THR C 199 1.10 -3.36 31.20
CA THR C 199 1.42 -4.78 31.30
C THR C 199 0.36 -5.44 32.18
N CYS C 200 -0.48 -6.28 31.59
CA CYS C 200 -1.58 -6.90 32.32
C CYS C 200 -1.50 -8.42 32.38
N SER C 202 -4.66 -11.47 31.22
CA SER C 202 -3.37 -11.30 30.56
C SER C 202 -3.51 -10.50 29.27
N ARG C 203 -3.89 -11.16 28.18
CA ARG C 203 -4.19 -10.49 26.93
C ARG C 203 -5.66 -10.06 26.89
N PHE C 204 -6.52 -10.81 27.57
CA PHE C 204 -7.92 -10.44 27.72
C PHE C 204 -8.04 -9.24 28.65
N SER C 205 -7.30 -9.28 29.75
CA SER C 205 -7.21 -8.14 30.66
C SER C 205 -6.74 -6.89 29.90
N GLU C 206 -5.83 -7.09 28.97
CA GLU C 206 -5.32 -5.99 28.15
C GLU C 206 -6.47 -5.21 27.51
N GLU C 207 -7.55 -5.90 27.16
CA GLU C 207 -8.68 -5.25 26.49
C GLU C 207 -9.29 -4.11 27.31
N ILE C 208 -8.53 -3.66 28.31
CA ILE C 208 -8.74 -2.36 28.94
C ILE C 208 -8.69 -1.30 27.85
N LEU C 209 -7.94 -1.61 26.78
CA LEU C 209 -7.77 -0.72 25.65
C LEU C 209 -9.10 -0.13 25.21
N ILE C 210 -10.13 -0.97 25.18
CA ILE C 210 -11.47 -0.52 24.79
C ILE C 210 -12.02 0.56 25.73
N GLU C 211 -11.60 0.52 27.00
CA GLU C 211 -12.06 1.50 28.00
C GLU C 211 -11.37 2.86 27.84
N ALA C 212 -10.11 2.85 27.40
CA ALA C 212 -9.44 4.09 27.04
C ALA C 212 -10.19 4.74 25.87
N ILE C 213 -10.38 3.99 24.81
CA ILE C 213 -11.11 4.47 23.63
C ILE C 213 -12.41 5.21 24.01
N ARG C 214 -13.10 4.70 25.02
CA ARG C 214 -14.36 5.31 25.43
C ARG C 214 -14.14 6.59 26.21
N LYS C 215 -12.95 6.77 26.78
CA LYS C 215 -12.64 8.01 27.49
C LYS C 215 -12.39 9.16 26.50
N ILE C 216 -11.63 8.87 25.44
CA ILE C 216 -11.46 9.83 24.36
C ILE C 216 -12.82 10.05 23.72
N GLU C 217 -13.73 9.10 23.94
CA GLU C 217 -15.04 9.15 23.33
C GLU C 217 -16.09 9.84 24.21
N ASN C 218 -15.66 10.48 25.29
CA ASN C 218 -16.62 11.12 26.21
C ASN C 218 -16.09 12.15 27.22
N GLU C 219 -14.85 12.59 27.06
CA GLU C 219 -14.32 13.70 27.86
C GLU C 219 -15.44 14.66 28.27
N LEU C 225 -17.75 6.11 36.75
CA LEU C 225 -18.05 6.26 35.34
C LEU C 225 -17.78 4.96 34.57
N THR C 226 -16.65 4.91 33.88
CA THR C 226 -16.21 3.70 33.20
C THR C 226 -15.97 2.52 34.17
N ASP C 227 -15.99 2.81 35.47
CA ASP C 227 -15.86 1.78 36.50
C ASP C 227 -16.85 0.65 36.22
N ARG C 228 -18.12 1.00 36.17
CA ARG C 228 -19.17 0.07 35.79
C ARG C 228 -18.77 -0.69 34.53
N ILE C 229 -18.27 0.04 33.54
CA ILE C 229 -17.94 -0.56 32.25
C ILE C 229 -16.99 -1.77 32.34
N LYS C 230 -15.97 -1.68 33.20
CA LYS C 230 -14.94 -2.73 33.27
C LYS C 230 -15.32 -3.92 34.17
N GLN C 231 -16.24 -3.72 35.11
CA GLN C 231 -16.67 -4.82 35.97
C GLN C 231 -17.46 -5.87 35.18
N PHE C 232 -18.26 -5.40 34.23
CA PHE C 232 -19.14 -6.25 33.43
C PHE C 232 -18.41 -6.88 32.26
N ILE C 233 -17.36 -6.23 31.79
CA ILE C 233 -16.59 -6.72 30.67
C ILE C 233 -15.40 -7.54 31.15
OH2 1PE E . -17.14 7.55 8.19
C12 1PE E . -16.83 6.25 8.59
C22 1PE E . -17.93 5.40 9.19
OH3 1PE E . -18.82 4.73 8.33
C13 1PE E . -21.19 4.03 7.81
C23 1PE E . -20.06 4.22 8.81
OH4 1PE E . -21.75 5.15 7.19
C14 1PE E . -23.19 6.18 5.39
C24 1PE E . -22.65 4.99 6.14
OH5 1PE E . -22.30 7.10 4.81
C15 1PE E . -22.03 9.57 4.36
C25 1PE E . -22.80 8.26 4.16
OH6 1PE E . -20.64 9.50 4.29
C16 1PE E . -19.23 10.30 6.23
C26 1PE E . -19.81 10.51 4.85
OH7 1PE E . -17.99 9.63 6.33
HO2 1PE E . -16.42 7.91 7.79
H121 1PE E . -16.12 6.32 9.25
H122 1PE E . -16.48 5.78 7.82
H221 1PE E . -18.46 5.97 9.78
H222 1PE E . -17.50 4.73 9.75
H131 1PE E . -21.91 3.58 8.28
H132 1PE E . -20.86 3.44 7.10
H231 1PE E . -19.88 3.37 9.24
H232 1PE E . -20.37 4.84 9.50
H141 1PE E . -23.73 6.70 6.02
H142 1PE E . -23.76 5.84 4.67
H241 1PE E . -22.22 4.42 5.50
H242 1PE E . -23.41 4.52 6.49
H151 1PE E . -22.34 10.20 3.69
H152 1PE E . -22.27 9.92 5.24
H251 1PE E . -22.81 8.07 3.21
H252 1PE E . -23.71 8.39 4.46
H161 1PE E . -19.88 9.79 6.74
H162 1PE E . -19.12 11.16 6.66
H261 1PE E . -19.06 10.63 4.25
H262 1PE E . -20.32 11.33 4.87
HO7 1PE E . -17.40 10.14 6.77
P PO4 F . 5.27 -8.36 -21.66
O1 PO4 F . 4.29 -7.22 -21.45
O2 PO4 F . 4.54 -9.61 -22.15
O3 PO4 F . 6.26 -7.91 -22.72
O4 PO4 F . 5.93 -8.66 -20.34
NA NA G . 7.68 2.91 -11.16
P PO4 H . -13.46 35.47 41.58
O1 PO4 H . -14.28 34.93 42.73
O2 PO4 H . -13.92 36.86 41.24
O3 PO4 H . -11.99 35.51 41.97
O4 PO4 H . -13.63 34.56 40.38
#